data_1VPH
#
_entry.id   1VPH
#
_cell.length_a   79.860
_cell.length_b   92.180
_cell.length_c   114.130
_cell.angle_alpha   90.00
_cell.angle_beta   90.00
_cell.angle_gamma   90.00
#
_symmetry.space_group_name_H-M   'P 21 21 21'
#
loop_
_entity.id
_entity.type
_entity.pdbx_description
1 polymer 'hypothetical protein SSO2532'
2 non-polymer 'POTASSIUM ION'
3 non-polymer 'PHOSPHATE ION'
4 non-polymer 'CHLORIDE ION'
5 non-polymer 1,2-ETHANEDIOL
6 water water
#
_entity_poly.entity_id   1
_entity_poly.type   'polypeptide(L)'
_entity_poly.pdbx_seq_one_letter_code
;MGSDKIHHHHHHMKVYFDDIYVSTARQFELVDITDQVEQIVEKSGIKNGICLIFVAHSTAAIVANEHERGLMEDILTKIK
EFTEPSRSWKHNLIDDNAHAHLGATFLGAERVFPVREGKLVRGTWQNIFLVELDGPRSERHITVEILGE
;
_entity_poly.pdbx_strand_id   A,B,C,D,E,F
#
# COMPACT_ATOMS: atom_id res chain seq x y z
N HIS A 12 -27.80 -29.47 32.34
CA HIS A 12 -28.06 -28.04 32.68
C HIS A 12 -26.76 -27.24 32.70
N MET A 13 -26.98 -25.97 32.37
CA MET A 13 -26.06 -25.03 31.77
C MET A 13 -27.10 -24.16 31.07
N LYS A 14 -26.72 -22.99 30.58
CA LYS A 14 -27.68 -22.24 29.81
C LYS A 14 -27.01 -21.75 28.55
N VAL A 15 -27.72 -21.83 27.43
CA VAL A 15 -27.24 -21.31 26.15
C VAL A 15 -28.37 -20.41 25.59
N TYR A 16 -28.03 -19.17 25.29
CA TYR A 16 -29.03 -18.20 24.82
C TYR A 16 -28.55 -17.57 23.52
N PHE A 17 -29.42 -17.48 22.52
CA PHE A 17 -29.06 -16.86 21.24
C PHE A 17 -29.94 -15.67 20.97
N ASP A 18 -29.35 -14.64 20.38
CA ASP A 18 -30.16 -13.64 19.75
C ASP A 18 -29.38 -13.16 18.54
N ASP A 19 -30.02 -12.30 17.78
CA ASP A 19 -29.55 -11.89 16.46
C ASP A 19 -29.63 -10.39 16.32
N ILE A 20 -28.59 -9.82 15.73
CA ILE A 20 -28.53 -8.41 15.45
C ILE A 20 -28.45 -8.34 13.93
N TYR A 21 -29.31 -7.53 13.34
CA TYR A 21 -29.27 -7.33 11.92
C TYR A 21 -28.94 -5.87 11.64
N VAL A 22 -27.96 -5.64 10.76
CA VAL A 22 -27.47 -4.29 10.47
C VAL A 22 -27.44 -4.09 8.97
N SER A 23 -27.94 -2.93 8.56
CA SER A 23 -27.83 -2.47 7.19
C SER A 23 -26.63 -1.53 7.16
N THR A 24 -25.78 -1.66 6.16
CA THR A 24 -24.59 -0.81 6.05
C THR A 24 -24.70 0.07 4.80
N ALA A 25 -24.21 1.30 4.96
CA ALA A 25 -24.42 2.37 3.98
C ALA A 25 -23.23 2.59 3.09
N ARG A 26 -22.03 2.32 3.60
CA ARG A 26 -20.79 2.60 2.89
C ARG A 26 -20.02 1.34 2.65
N GLN A 27 -19.09 1.40 1.70
CA GLN A 27 -18.23 0.29 1.38
C GLN A 27 -17.45 -0.21 2.59
N PHE A 28 -16.79 0.72 3.28
CA PHE A 28 -16.08 0.47 4.53
C PHE A 28 -16.76 1.20 5.67
N GLU A 29 -17.13 0.47 6.72
CA GLU A 29 -17.85 1.07 7.80
C GLU A 29 -17.61 0.32 9.09
N LEU A 30 -17.61 1.05 10.21
CA LEU A 30 -17.65 0.43 11.54
C LEU A 30 -19.00 0.71 12.16
N VAL A 31 -19.69 -0.31 12.63
CA VAL A 31 -21.00 -0.13 13.27
C VAL A 31 -20.92 -0.63 14.69
N ASP A 32 -21.08 0.28 15.64
CA ASP A 32 -21.01 -0.06 17.05
C ASP A 32 -22.29 -0.80 17.46
N ILE A 33 -22.12 -2.02 17.97
CA ILE A 33 -23.21 -2.87 18.42
C ILE A 33 -23.13 -3.20 19.91
N THR A 34 -22.30 -2.45 20.64
CA THR A 34 -22.07 -2.68 22.08
C THR A 34 -23.37 -2.79 22.85
N ASP A 35 -24.22 -1.81 22.68
CA ASP A 35 -25.46 -1.74 23.45
C ASP A 35 -26.34 -2.93 23.21
N GLN A 36 -26.42 -3.35 21.96
CA GLN A 36 -27.22 -4.52 21.57
C GLN A 36 -26.65 -5.83 22.15
N VAL A 37 -25.34 -5.98 22.07
CA VAL A 37 -24.71 -7.13 22.70
C VAL A 37 -24.98 -7.12 24.24
N GLU A 38 -24.80 -5.98 24.91
CA GLU A 38 -25.10 -5.87 26.35
C GLU A 38 -26.55 -6.22 26.67
N GLN A 39 -27.48 -5.78 25.84
CA GLN A 39 -28.87 -6.09 26.06
C GLN A 39 -29.15 -7.59 26.07
N ILE A 40 -28.49 -8.24 25.12
CA ILE A 40 -28.63 -9.70 24.95
C ILE A 40 -28.01 -10.41 26.14
N VAL A 41 -26.86 -9.95 26.61
CA VAL A 41 -26.29 -10.51 27.84
C VAL A 41 -27.31 -10.38 28.95
N GLU A 42 -27.88 -9.18 29.10
CA GLU A 42 -28.85 -8.97 30.17
C GLU A 42 -30.07 -9.88 30.06
N LYS A 43 -30.63 -9.97 28.86
CA LYS A 43 -31.83 -10.77 28.59
C LYS A 43 -31.59 -12.29 28.79
N SER A 44 -30.37 -12.74 28.55
CA SER A 44 -30.00 -14.15 28.74
C SER A 44 -30.18 -14.64 30.20
N GLY A 45 -30.04 -13.74 31.16
CA GLY A 45 -30.15 -14.14 32.56
C GLY A 45 -28.92 -14.87 33.06
N ILE A 46 -27.92 -15.08 32.19
CA ILE A 46 -26.71 -15.83 32.52
C ILE A 46 -25.78 -14.94 33.34
N LYS A 47 -25.26 -15.47 34.43
CA LYS A 47 -24.43 -14.63 35.33
C LYS A 47 -22.93 -14.82 35.13
N ASN A 48 -22.53 -16.06 34.80
CA ASN A 48 -21.13 -16.40 34.57
C ASN A 48 -21.00 -17.28 33.37
N GLY A 49 -20.17 -16.87 32.42
CA GLY A 49 -20.01 -17.60 31.18
C GLY A 49 -19.27 -16.79 30.14
N ILE A 50 -19.65 -17.00 28.90
CA ILE A 50 -19.02 -16.31 27.82
C ILE A 50 -20.07 -15.73 26.85
N CYS A 51 -19.64 -14.76 26.07
CA CYS A 51 -20.48 -14.09 25.11
C CYS A 51 -19.74 -14.17 23.77
N LEU A 52 -20.29 -14.91 22.83
CA LEU A 52 -19.73 -15.04 21.48
C LEU A 52 -20.50 -14.13 20.54
N ILE A 53 -19.80 -13.28 19.80
CA ILE A 53 -20.39 -12.38 18.83
C ILE A 53 -19.79 -12.77 17.48
N PHE A 54 -20.63 -13.18 16.56
CA PHE A 54 -20.19 -13.89 15.38
C PHE A 54 -20.95 -13.43 14.13
N VAL A 55 -20.21 -13.13 13.09
CA VAL A 55 -20.77 -12.76 11.79
C VAL A 55 -20.56 -13.89 10.77
N ALA A 56 -21.67 -14.33 10.19
CA ALA A 56 -21.67 -15.43 9.21
C ALA A 56 -21.56 -14.87 7.79
N HIS A 57 -20.48 -14.14 7.56
CA HIS A 57 -20.24 -13.39 6.37
C HIS A 57 -18.75 -13.44 6.15
N SER A 58 -18.32 -13.54 4.89
CA SER A 58 -16.89 -13.60 4.62
C SER A 58 -16.27 -12.28 4.22
N THR A 59 -17.04 -11.20 4.18
CA THR A 59 -16.54 -9.88 3.82
C THR A 59 -16.86 -8.83 4.91
N ALA A 60 -17.15 -9.36 6.11
CA ALA A 60 -17.30 -8.55 7.32
C ALA A 60 -16.61 -9.22 8.48
N ALA A 61 -16.42 -8.48 9.57
CA ALA A 61 -15.68 -8.98 10.69
C ALA A 61 -16.25 -8.38 11.97
N ILE A 62 -15.79 -8.86 13.11
CA ILE A 62 -16.16 -8.36 14.41
C ILE A 62 -14.89 -7.98 15.11
N VAL A 63 -14.78 -6.72 15.61
CA VAL A 63 -13.61 -6.28 16.37
C VAL A 63 -14.10 -5.55 17.63
N ALA A 64 -13.17 -5.24 18.49
CA ALA A 64 -13.42 -4.37 19.65
C ALA A 64 -12.34 -3.36 19.90
N ASN A 65 -12.75 -2.10 20.04
CA ASN A 65 -11.84 -1.06 20.42
C ASN A 65 -12.63 0.21 20.71
N GLU A 66 -11.94 1.33 20.82
CA GLU A 66 -12.54 2.51 21.36
C GLU A 66 -13.41 3.21 20.35
N HIS A 67 -14.60 3.59 20.79
CA HIS A 67 -15.48 4.41 19.99
C HIS A 67 -15.02 5.88 20.12
N GLU A 68 -14.06 6.26 19.29
CA GLU A 68 -13.65 7.66 19.09
C GLU A 68 -13.59 7.82 17.57
N ARG A 69 -14.24 8.85 17.04
CA ARG A 69 -14.46 8.88 15.57
C ARG A 69 -13.15 9.00 14.76
N GLY A 70 -12.14 9.66 15.30
CA GLY A 70 -10.81 9.66 14.66
C GLY A 70 -10.21 8.26 14.54
N LEU A 71 -10.23 7.53 15.65
CA LEU A 71 -9.76 6.18 15.68
C LEU A 71 -10.52 5.30 14.73
N MET A 72 -11.84 5.47 14.68
CA MET A 72 -12.63 4.68 13.78
C MET A 72 -12.22 4.88 12.32
N GLU A 73 -11.91 6.11 11.96
CA GLU A 73 -11.37 6.45 10.65
C GLU A 73 -10.00 5.78 10.43
N ASP A 74 -9.14 5.90 11.43
CA ASP A 74 -7.82 5.27 11.42
C ASP A 74 -7.92 3.75 11.15
N ILE A 75 -8.82 3.05 11.87
CA ILE A 75 -8.99 1.62 11.70
C ILE A 75 -9.33 1.27 10.27
N LEU A 76 -10.28 1.99 9.70
CA LEU A 76 -10.69 1.70 8.33
C LEU A 76 -9.62 2.04 7.33
N THR A 77 -8.89 3.10 7.59
CA THR A 77 -7.80 3.51 6.71
C THR A 77 -6.73 2.42 6.72
N LYS A 78 -6.38 1.95 7.90
CA LYS A 78 -5.40 0.90 8.03
C LYS A 78 -5.85 -0.34 7.33
N ILE A 79 -7.09 -0.79 7.60
CA ILE A 79 -7.66 -1.93 6.85
C ILE A 79 -7.57 -1.76 5.33
N LYS A 80 -7.96 -0.59 4.82
CA LYS A 80 -7.91 -0.35 3.39
C LYS A 80 -6.50 -0.48 2.85
N GLU A 81 -5.58 0.14 3.54
CA GLU A 81 -4.14 0.11 3.13
C GLU A 81 -3.59 -1.32 3.11
N PHE A 82 -3.96 -2.11 4.12
CA PHE A 82 -3.55 -3.46 4.26
C PHE A 82 -4.17 -4.39 3.19
N THR A 83 -5.46 -4.19 2.90
CA THR A 83 -6.20 -5.12 2.02
C THR A 83 -6.17 -4.72 0.54
N GLU A 84 -5.85 -3.46 0.24
CA GLU A 84 -5.66 -2.98 -1.13
C GLU A 84 -6.85 -3.18 -2.06
N PRO A 85 -7.91 -2.39 -1.86
CA PRO A 85 -9.06 -2.49 -2.75
C PRO A 85 -8.75 -2.31 -4.24
N SER A 86 -7.73 -1.52 -4.59
CA SER A 86 -7.42 -1.25 -5.99
C SER A 86 -6.54 -2.29 -6.67
N ARG A 87 -6.06 -3.23 -5.90
CA ARG A 87 -5.16 -4.24 -6.40
C ARG A 87 -5.86 -5.31 -7.22
N SER A 88 -5.18 -5.80 -8.26
CA SER A 88 -5.70 -6.87 -9.11
C SER A 88 -5.49 -8.25 -8.49
N TRP A 89 -6.08 -8.41 -7.31
CA TRP A 89 -6.13 -9.70 -6.68
C TRP A 89 -6.83 -10.72 -7.62
N LYS A 90 -6.40 -11.95 -7.56
CA LYS A 90 -6.97 -12.98 -8.42
C LYS A 90 -8.48 -13.25 -8.22
N HIS A 91 -8.98 -13.13 -6.99
CA HIS A 91 -10.41 -13.25 -6.73
C HIS A 91 -11.21 -12.17 -7.48
N ASN A 92 -10.56 -11.03 -7.79
CA ASN A 92 -11.28 -9.94 -8.47
C ASN A 92 -11.65 -10.26 -9.91
N LEU A 93 -11.14 -11.34 -10.48
CA LEU A 93 -11.61 -11.86 -11.76
C LEU A 93 -13.08 -12.31 -11.67
N ILE A 94 -13.52 -12.76 -10.49
CA ILE A 94 -14.87 -13.28 -10.27
C ILE A 94 -15.72 -12.23 -9.59
N ASP A 95 -15.16 -11.56 -8.61
CA ASP A 95 -15.80 -10.33 -8.24
C ASP A 95 -14.91 -9.48 -7.44
N ASP A 96 -15.34 -8.23 -7.38
CA ASP A 96 -14.49 -7.12 -7.06
C ASP A 96 -14.30 -6.84 -5.60
N ASN A 97 -14.21 -7.85 -4.73
CA ASN A 97 -14.15 -7.60 -3.31
C ASN A 97 -13.08 -8.45 -2.62
N ALA A 98 -12.06 -8.85 -3.35
CA ALA A 98 -10.96 -9.61 -2.73
C ALA A 98 -10.49 -8.91 -1.43
N HIS A 99 -10.31 -7.60 -1.48
CA HIS A 99 -9.81 -6.86 -0.31
C HIS A 99 -10.66 -7.17 0.93
N ALA A 100 -11.97 -7.25 0.75
CA ALA A 100 -12.89 -7.45 1.84
C ALA A 100 -12.73 -8.82 2.48
N HIS A 101 -12.56 -9.82 1.64
CA HIS A 101 -12.25 -11.14 2.11
C HIS A 101 -10.95 -11.17 2.90
N LEU A 102 -9.92 -10.50 2.38
CA LEU A 102 -8.62 -10.53 3.06
C LEU A 102 -8.73 -9.91 4.45
N GLY A 103 -9.41 -8.77 4.53
CA GLY A 103 -9.53 -8.03 5.83
C GLY A 103 -10.29 -8.88 6.84
N ALA A 104 -11.36 -9.54 6.36
CA ALA A 104 -12.22 -10.37 7.20
C ALA A 104 -11.43 -11.61 7.65
N THR A 105 -10.67 -12.19 6.73
CA THR A 105 -9.80 -13.33 7.08
C THR A 105 -8.86 -12.97 8.23
N PHE A 106 -8.16 -11.83 8.13
CA PHE A 106 -7.26 -11.36 9.17
C PHE A 106 -7.93 -10.92 10.46
N LEU A 107 -9.07 -10.21 10.36
CA LEU A 107 -9.67 -9.66 11.56
C LEU A 107 -10.46 -10.69 12.34
N GLY A 108 -11.11 -11.58 11.60
CA GLY A 108 -11.91 -12.67 12.14
C GLY A 108 -13.38 -12.32 12.23
N ALA A 109 -14.16 -13.38 12.22
CA ALA A 109 -15.58 -13.32 12.20
C ALA A 109 -16.19 -13.23 13.59
N GLU A 110 -15.37 -13.44 14.62
CA GLU A 110 -15.94 -13.50 15.98
C GLU A 110 -15.05 -12.93 17.01
N ARG A 111 -15.67 -12.44 18.08
CA ARG A 111 -14.96 -12.14 19.31
C ARG A 111 -15.70 -12.83 20.46
N VAL A 112 -14.93 -13.17 21.49
CA VAL A 112 -15.48 -13.82 22.68
C VAL A 112 -15.11 -12.95 23.88
N PHE A 113 -16.10 -12.65 24.71
CA PHE A 113 -15.95 -11.83 25.92
C PHE A 113 -16.40 -12.64 27.11
N PRO A 114 -15.78 -12.40 28.27
CA PRO A 114 -16.32 -13.01 29.47
C PRO A 114 -17.61 -12.37 29.91
N VAL A 115 -18.42 -13.13 30.62
CA VAL A 115 -19.57 -12.64 31.34
C VAL A 115 -19.32 -13.05 32.79
N ARG A 116 -19.36 -12.06 33.68
CA ARG A 116 -18.91 -12.28 35.06
C ARG A 116 -19.80 -11.47 35.97
N GLU A 117 -20.41 -12.15 36.94
CA GLU A 117 -21.35 -11.54 37.88
C GLU A 117 -22.40 -10.74 37.14
N GLY A 118 -22.92 -11.30 36.06
CA GLY A 118 -24.04 -10.72 35.31
C GLY A 118 -23.69 -9.63 34.31
N LYS A 119 -22.42 -9.32 34.20
CA LYS A 119 -22.00 -8.23 33.35
C LYS A 119 -21.08 -8.73 32.24
N LEU A 120 -21.21 -8.13 31.06
CA LEU A 120 -20.23 -8.29 30.01
C LEU A 120 -18.90 -7.67 30.49
N VAL A 121 -17.84 -8.46 30.52
CA VAL A 121 -16.56 -7.93 30.98
C VAL A 121 -15.94 -7.25 29.77
N ARG A 122 -15.72 -5.94 29.89
CA ARG A 122 -15.01 -5.21 28.86
C ARG A 122 -14.49 -3.93 29.40
N GLY A 123 -13.46 -3.40 28.74
CA GLY A 123 -12.78 -2.20 29.21
C GLY A 123 -13.66 -0.99 28.98
N THR A 124 -13.29 0.10 29.64
CA THR A 124 -13.96 1.38 29.46
C THR A 124 -13.94 1.82 28.01
N TRP A 125 -12.84 1.52 27.32
CA TRP A 125 -12.68 1.95 25.93
C TRP A 125 -12.68 0.77 24.96
N GLN A 126 -13.47 -0.23 25.30
CA GLN A 126 -13.56 -1.43 24.47
C GLN A 126 -14.99 -1.61 24.00
N ASN A 127 -15.31 -1.09 22.83
CA ASN A 127 -16.64 -1.22 22.27
C ASN A 127 -16.58 -2.28 21.18
N ILE A 128 -17.73 -2.84 20.87
CA ILE A 128 -17.85 -3.97 19.94
C ILE A 128 -18.39 -3.45 18.61
N PHE A 129 -17.66 -3.71 17.54
CA PHE A 129 -18.01 -3.27 16.18
C PHE A 129 -18.17 -4.40 15.17
N LEU A 130 -19.20 -4.28 14.37
CA LEU A 130 -19.25 -4.88 13.05
C LEU A 130 -18.35 -4.08 12.12
N VAL A 131 -17.45 -4.79 11.48
CA VAL A 131 -16.61 -4.19 10.43
C VAL A 131 -17.18 -4.59 9.09
N GLU A 132 -17.65 -3.60 8.36
CA GLU A 132 -18.14 -3.80 7.01
C GLU A 132 -17.06 -3.43 6.03
N LEU A 133 -16.67 -4.38 5.19
CA LEU A 133 -15.62 -4.13 4.17
C LEU A 133 -16.11 -4.20 2.73
N ASP A 134 -17.39 -4.51 2.55
CA ASP A 134 -17.97 -4.64 1.21
C ASP A 134 -19.39 -4.15 1.16
N GLY A 135 -19.65 -3.00 1.78
CA GLY A 135 -20.98 -2.47 1.75
C GLY A 135 -21.22 -1.64 0.49
N PRO A 136 -22.44 -1.10 0.32
CA PRO A 136 -23.56 -1.24 1.24
C PRO A 136 -24.18 -2.64 1.18
N ARG A 137 -24.62 -3.14 2.33
CA ARG A 137 -25.38 -4.38 2.34
C ARG A 137 -26.65 -4.10 3.08
N SER A 138 -27.72 -4.75 2.64
CA SER A 138 -29.01 -4.56 3.29
C SER A 138 -29.12 -5.30 4.60
N GLU A 139 -28.49 -6.47 4.68
CA GLU A 139 -28.58 -7.32 5.88
C GLU A 139 -27.26 -7.99 6.24
N ARG A 140 -26.56 -7.43 7.22
CA ARG A 140 -25.49 -8.15 7.90
C ARG A 140 -26.10 -8.76 9.18
N HIS A 141 -25.91 -10.06 9.33
CA HIS A 141 -26.46 -10.83 10.41
C HIS A 141 -25.39 -11.20 11.41
N ILE A 142 -25.51 -10.67 12.61
CA ILE A 142 -24.62 -11.01 13.71
C ILE A 142 -25.40 -11.95 14.64
N THR A 143 -24.79 -13.08 14.96
CA THR A 143 -25.29 -13.98 15.97
C THR A 143 -24.60 -13.66 17.27
N VAL A 144 -25.39 -13.60 18.35
CA VAL A 144 -24.89 -13.38 19.68
C VAL A 144 -25.29 -14.55 20.51
N GLU A 145 -24.29 -15.23 21.07
CA GLU A 145 -24.57 -16.38 21.91
C GLU A 145 -23.97 -16.19 23.27
N ILE A 146 -24.78 -16.41 24.31
CA ILE A 146 -24.33 -16.39 25.72
C ILE A 146 -24.43 -17.82 26.22
N LEU A 147 -23.34 -18.28 26.80
CA LEU A 147 -23.27 -19.66 27.28
C LEU A 147 -22.68 -19.63 28.67
N GLY A 148 -23.32 -20.30 29.63
CA GLY A 148 -22.82 -20.21 30.98
C GLY A 148 -23.83 -20.72 31.99
N GLU A 149 -23.69 -20.26 33.23
CA GLU A 149 -24.60 -20.58 34.35
C GLU A 149 -25.27 -19.26 34.79
N MET B 13 -25.08 -30.56 30.34
CA MET B 13 -23.92 -30.06 29.58
C MET B 13 -23.22 -31.24 28.93
N LYS B 14 -22.62 -30.98 27.78
CA LYS B 14 -21.82 -31.99 27.12
C LYS B 14 -20.59 -31.35 26.49
N VAL B 15 -19.46 -32.04 26.52
CA VAL B 15 -18.21 -31.60 25.92
C VAL B 15 -17.73 -32.78 25.06
N TYR B 16 -17.43 -32.52 23.81
CA TYR B 16 -17.04 -33.55 22.90
C TYR B 16 -15.80 -33.11 22.17
N PHE B 17 -14.82 -33.99 22.09
CA PHE B 17 -13.58 -33.70 21.38
C PHE B 17 -13.38 -34.65 20.21
N ASP B 18 -12.81 -34.13 19.13
CA ASP B 18 -12.20 -34.99 18.15
C ASP B 18 -10.99 -34.30 17.57
N ASP B 19 -10.27 -35.04 16.74
CA ASP B 19 -9.00 -34.61 16.19
C ASP B 19 -8.98 -34.75 14.68
N ILE B 20 -8.39 -33.73 14.04
CA ILE B 20 -8.15 -33.79 12.62
C ILE B 20 -6.66 -33.74 12.48
N TYR B 21 -6.13 -34.65 11.68
CA TYR B 21 -4.70 -34.66 11.37
C TYR B 21 -4.52 -34.39 9.88
N VAL B 22 -3.63 -33.44 9.58
CA VAL B 22 -3.43 -32.96 8.24
C VAL B 22 -1.95 -33.05 7.94
N SER B 23 -1.59 -33.68 6.84
CA SER B 23 -0.26 -33.59 6.26
C SER B 23 -0.28 -32.49 5.21
N THR B 24 0.74 -31.63 5.22
CA THR B 24 0.79 -30.52 4.31
C THR B 24 1.97 -30.73 3.36
N ALA B 25 1.78 -30.33 2.10
CA ALA B 25 2.67 -30.66 1.00
C ALA B 25 3.56 -29.49 0.61
N ARG B 26 3.09 -28.28 0.85
CA ARG B 26 3.77 -27.06 0.41
C ARG B 26 4.13 -26.18 1.60
N GLN B 27 5.08 -25.27 1.41
CA GLN B 27 5.47 -24.36 2.47
C GLN B 27 4.28 -23.55 2.96
N PHE B 28 3.55 -22.96 2.01
CA PHE B 28 2.33 -22.20 2.31
C PHE B 28 1.14 -22.88 1.68
N GLU B 29 0.15 -23.20 2.50
CA GLU B 29 -0.99 -23.95 2.01
C GLU B 29 -2.24 -23.66 2.84
N LEU B 30 -3.40 -23.67 2.19
CA LEU B 30 -4.68 -23.65 2.89
C LEU B 30 -5.32 -25.00 2.67
N VAL B 31 -5.74 -25.63 3.73
CA VAL B 31 -6.42 -26.91 3.66
C VAL B 31 -7.81 -26.74 4.28
N ASP B 32 -8.81 -26.96 3.46
CA ASP B 32 -10.20 -26.87 3.85
C ASP B 32 -10.59 -28.07 4.70
N ILE B 33 -11.01 -27.78 5.92
CA ILE B 33 -11.41 -28.77 6.88
C ILE B 33 -12.85 -28.66 7.29
N THR B 34 -13.63 -27.88 6.52
CA THR B 34 -15.03 -27.62 6.83
C THR B 34 -15.84 -28.89 7.03
N ASP B 35 -15.75 -29.82 6.07
CA ASP B 35 -16.59 -31.02 6.14
C ASP B 35 -16.27 -31.84 7.38
N GLN B 36 -14.99 -31.93 7.71
CA GLN B 36 -14.55 -32.68 8.89
C GLN B 36 -15.04 -32.06 10.20
N VAL B 37 -14.99 -30.75 10.27
CA VAL B 37 -15.49 -30.03 11.43
C VAL B 37 -17.01 -30.28 11.53
N GLU B 38 -17.71 -30.15 10.39
CA GLU B 38 -19.14 -30.45 10.37
C GLU B 38 -19.47 -31.83 10.81
N GLN B 39 -18.70 -32.81 10.36
CA GLN B 39 -18.92 -34.19 10.76
C GLN B 39 -18.82 -34.32 12.30
N ILE B 40 -17.82 -33.68 12.88
CA ILE B 40 -17.57 -33.73 14.34
C ILE B 40 -18.72 -33.05 15.09
N VAL B 41 -19.20 -31.92 14.59
CA VAL B 41 -20.39 -31.28 15.19
C VAL B 41 -21.56 -32.27 15.16
N GLU B 42 -21.80 -32.89 14.02
CA GLU B 42 -22.86 -33.84 13.94
C GLU B 42 -22.69 -34.96 14.95
N LYS B 43 -21.50 -35.55 14.97
CA LYS B 43 -21.23 -36.72 15.83
C LYS B 43 -21.36 -36.43 17.31
N SER B 44 -21.09 -35.20 17.72
CA SER B 44 -21.18 -34.79 19.11
C SER B 44 -22.59 -34.94 19.69
N GLY B 45 -23.60 -34.82 18.83
CA GLY B 45 -24.96 -34.82 19.26
C GLY B 45 -25.43 -33.53 19.89
N ILE B 46 -24.54 -32.55 20.00
CA ILE B 46 -24.85 -31.30 20.71
C ILE B 46 -25.66 -30.44 19.79
N LYS B 47 -26.72 -29.86 20.32
CA LYS B 47 -27.65 -29.04 19.56
C LYS B 47 -27.37 -27.54 19.64
N ASN B 48 -26.98 -27.08 20.82
CA ASN B 48 -26.76 -25.66 21.07
C ASN B 48 -25.51 -25.47 21.90
N GLY B 49 -24.56 -24.73 21.36
CA GLY B 49 -23.29 -24.55 22.04
C GLY B 49 -22.29 -23.85 21.15
N ILE B 50 -21.03 -24.22 21.31
CA ILE B 50 -19.97 -23.64 20.53
C ILE B 50 -19.10 -24.74 19.96
N CYS B 51 -18.37 -24.40 18.91
CA CYS B 51 -17.44 -25.29 18.24
C CYS B 51 -16.10 -24.53 18.19
N LEU B 52 -15.12 -25.03 18.93
CA LEU B 52 -13.75 -24.53 18.93
C LEU B 52 -12.95 -25.37 17.94
N ILE B 53 -12.23 -24.71 17.04
CA ILE B 53 -11.29 -25.37 16.14
C ILE B 53 -9.96 -24.76 16.48
N PHE B 54 -9.02 -25.58 16.93
CA PHE B 54 -7.75 -25.14 17.53
C PHE B 54 -6.57 -25.91 16.96
N VAL B 55 -5.52 -25.22 16.51
CA VAL B 55 -4.31 -25.84 16.06
C VAL B 55 -3.18 -25.63 17.11
N ALA B 56 -2.63 -26.75 17.59
CA ALA B 56 -1.63 -26.74 18.65
C ALA B 56 -0.29 -26.61 17.97
N HIS B 57 -0.10 -25.54 17.22
CA HIS B 57 1.16 -25.33 16.49
C HIS B 57 1.40 -23.82 16.40
N SER B 58 2.66 -23.39 16.38
CA SER B 58 2.95 -21.98 16.35
C SER B 58 3.26 -21.50 14.95
N THR B 59 3.30 -22.40 13.98
CA THR B 59 3.62 -21.97 12.61
C THR B 59 2.48 -22.32 11.67
N ALA B 60 1.31 -22.51 12.27
CA ALA B 60 0.08 -22.73 11.56
C ALA B 60 -1.06 -21.90 12.23
N ALA B 61 -2.17 -21.74 11.52
CA ALA B 61 -3.31 -20.99 12.02
C ALA B 61 -4.60 -21.59 11.52
N ILE B 62 -5.70 -21.08 12.03
CA ILE B 62 -7.05 -21.47 11.61
C ILE B 62 -7.76 -20.17 11.21
N VAL B 63 -8.29 -20.16 10.00
CA VAL B 63 -9.08 -19.04 9.49
C VAL B 63 -10.39 -19.53 8.83
N ALA B 64 -11.28 -18.58 8.56
CA ALA B 64 -12.47 -18.91 7.79
C ALA B 64 -12.77 -17.89 6.70
N ASN B 65 -12.93 -18.40 5.50
CA ASN B 65 -13.35 -17.54 4.40
C ASN B 65 -13.76 -18.40 3.23
N GLU B 66 -13.91 -17.79 2.07
CA GLU B 66 -14.53 -18.44 0.91
C GLU B 66 -13.60 -19.41 0.23
N HIS B 67 -14.07 -20.61 -0.05
CA HIS B 67 -13.30 -21.56 -0.84
C HIS B 67 -13.43 -21.21 -2.33
N GLU B 68 -12.60 -20.28 -2.78
CA GLU B 68 -12.49 -19.93 -4.18
C GLU B 68 -10.98 -19.90 -4.45
N ARG B 69 -10.55 -20.65 -5.45
CA ARG B 69 -9.12 -20.89 -5.58
C ARG B 69 -8.30 -19.59 -5.81
N GLY B 70 -8.87 -18.61 -6.48
CA GLY B 70 -8.21 -17.33 -6.66
C GLY B 70 -7.98 -16.63 -5.31
N LEU B 71 -9.06 -16.57 -4.52
CA LEU B 71 -9.00 -15.94 -3.20
C LEU B 71 -8.01 -16.67 -2.28
N MET B 72 -7.99 -17.98 -2.37
CA MET B 72 -7.06 -18.76 -1.59
C MET B 72 -5.64 -18.37 -1.91
N GLU B 73 -5.34 -18.20 -3.19
CA GLU B 73 -4.01 -17.72 -3.61
C GLU B 73 -3.74 -16.34 -3.03
N ASP B 74 -4.72 -15.47 -3.19
CA ASP B 74 -4.63 -14.08 -2.64
C ASP B 74 -4.32 -14.07 -1.13
N ILE B 75 -5.03 -14.88 -0.35
CA ILE B 75 -4.78 -14.99 1.10
C ILE B 75 -3.34 -15.34 1.41
N LEU B 76 -2.85 -16.37 0.74
CA LEU B 76 -1.48 -16.78 1.02
C LEU B 76 -0.48 -15.73 0.52
N THR B 77 -0.80 -15.09 -0.58
CA THR B 77 0.08 -14.05 -1.14
C THR B 77 0.17 -12.94 -0.14
N LYS B 78 -0.97 -12.48 0.34
CA LYS B 78 -0.98 -11.42 1.35
C LYS B 78 -0.22 -11.81 2.63
N ILE B 79 -0.45 -13.03 3.12
CA ILE B 79 0.28 -13.54 4.27
C ILE B 79 1.81 -13.49 4.04
N LYS B 80 2.25 -14.03 2.92
CA LYS B 80 3.68 -14.00 2.58
C LYS B 80 4.22 -12.55 2.58
N GLU B 81 3.50 -11.63 1.92
CA GLU B 81 3.95 -10.24 1.80
C GLU B 81 4.05 -9.61 3.19
N PHE B 82 3.07 -9.89 4.03
CA PHE B 82 2.98 -9.33 5.39
C PHE B 82 4.11 -9.89 6.27
N THR B 83 4.41 -11.18 6.12
CA THR B 83 5.34 -11.86 7.05
C THR B 83 6.80 -11.87 6.61
N GLU B 84 7.03 -11.68 5.30
CA GLU B 84 8.36 -11.51 4.71
C GLU B 84 9.30 -12.71 4.91
N PRO B 85 9.03 -13.83 4.23
CA PRO B 85 9.87 -15.04 4.37
C PRO B 85 11.36 -14.81 4.07
N SER B 86 11.70 -13.84 3.23
CA SER B 86 13.09 -13.60 2.88
C SER B 86 13.83 -12.63 3.81
N ARG B 87 13.15 -12.06 4.80
CA ARG B 87 13.75 -11.07 5.70
C ARG B 87 14.61 -11.75 6.73
N SER B 88 15.66 -11.05 7.15
CA SER B 88 16.58 -11.54 8.19
C SER B 88 16.04 -11.26 9.57
N TRP B 89 14.90 -11.86 9.88
CA TRP B 89 14.35 -11.84 11.22
C TRP B 89 15.32 -12.45 12.21
N LYS B 90 15.32 -11.95 13.44
CA LYS B 90 16.25 -12.43 14.45
C LYS B 90 16.04 -13.92 14.77
N HIS B 91 14.80 -14.38 14.74
CA HIS B 91 14.53 -15.80 15.01
C HIS B 91 15.15 -16.71 13.97
N ASN B 92 15.44 -16.16 12.79
CA ASN B 92 15.92 -17.03 11.73
C ASN B 92 17.34 -17.49 11.98
N LEU B 93 18.04 -16.89 12.94
CA LEU B 93 19.35 -17.43 13.40
C LEU B 93 19.15 -18.88 13.85
N ILE B 94 17.98 -19.16 14.44
CA ILE B 94 17.68 -20.47 14.98
C ILE B 94 16.96 -21.42 13.99
N ASP B 95 15.82 -21.00 13.41
CA ASP B 95 15.14 -21.78 12.35
C ASP B 95 14.52 -20.81 11.36
N ASP B 96 14.59 -21.18 10.10
CA ASP B 96 14.31 -20.26 9.01
C ASP B 96 12.81 -20.04 8.78
N ASN B 97 12.05 -19.88 9.85
CA ASN B 97 10.58 -19.78 9.72
C ASN B 97 9.95 -18.66 10.55
N ALA B 98 10.73 -17.63 10.90
CA ALA B 98 10.16 -16.49 11.62
C ALA B 98 8.85 -15.97 10.94
N HIS B 99 8.81 -15.89 9.60
CA HIS B 99 7.63 -15.41 8.89
C HIS B 99 6.37 -16.22 9.26
N ALA B 100 6.53 -17.55 9.35
CA ALA B 100 5.44 -18.43 9.74
C ALA B 100 4.92 -18.14 11.14
N HIS B 101 5.83 -17.91 12.09
CA HIS B 101 5.44 -17.52 13.44
C HIS B 101 4.69 -16.21 13.45
N LEU B 102 5.16 -15.26 12.64
CA LEU B 102 4.49 -13.97 12.61
C LEU B 102 3.07 -14.06 12.07
N GLY B 103 2.90 -14.83 11.01
CA GLY B 103 1.58 -15.00 10.43
C GLY B 103 0.65 -15.69 11.39
N ALA B 104 1.14 -16.75 12.03
CA ALA B 104 0.33 -17.48 13.00
C ALA B 104 -0.06 -16.58 14.18
N THR B 105 0.87 -15.76 14.64
CA THR B 105 0.65 -14.86 15.76
C THR B 105 -0.51 -13.90 15.45
N PHE B 106 -0.48 -13.33 14.25
CA PHE B 106 -1.54 -12.44 13.84
C PHE B 106 -2.89 -13.15 13.53
N LEU B 107 -2.86 -14.27 12.84
CA LEU B 107 -4.11 -14.90 12.41
C LEU B 107 -4.81 -15.59 13.53
N GLY B 108 -4.03 -16.20 14.40
CA GLY B 108 -4.58 -16.91 15.55
C GLY B 108 -4.72 -18.41 15.34
N ALA B 109 -4.60 -19.17 16.41
CA ALA B 109 -4.59 -20.65 16.32
C ALA B 109 -5.98 -21.24 16.41
N GLU B 110 -6.98 -20.40 16.68
CA GLU B 110 -8.33 -20.89 16.94
C GLU B 110 -9.39 -20.01 16.32
N ARG B 111 -10.49 -20.66 15.94
CA ARG B 111 -11.75 -19.96 15.64
C ARG B 111 -12.84 -20.60 16.41
N VAL B 112 -13.86 -19.84 16.76
CA VAL B 112 -14.98 -20.33 17.57
C VAL B 112 -16.24 -20.02 16.74
N PHE B 113 -17.06 -21.05 16.49
CA PHE B 113 -18.30 -20.95 15.76
C PHE B 113 -19.48 -21.27 16.66
N PRO B 114 -20.64 -20.66 16.40
CA PRO B 114 -21.82 -21.12 17.12
C PRO B 114 -22.29 -22.44 16.57
N VAL B 115 -22.95 -23.23 17.42
CA VAL B 115 -23.70 -24.39 17.01
C VAL B 115 -25.12 -24.13 17.49
N ARG B 116 -26.06 -24.22 16.58
CA ARG B 116 -27.40 -23.75 16.84
C ARG B 116 -28.39 -24.66 16.14
N GLU B 117 -29.35 -25.20 16.91
CA GLU B 117 -30.34 -26.12 16.41
C GLU B 117 -29.64 -27.24 15.64
N GLY B 118 -28.54 -27.73 16.20
CA GLY B 118 -27.82 -28.87 15.63
C GLY B 118 -26.92 -28.61 14.45
N LYS B 119 -26.76 -27.34 14.07
CA LYS B 119 -26.02 -26.99 12.87
C LYS B 119 -24.88 -26.07 13.24
N LEU B 120 -23.72 -26.25 12.62
CA LEU B 120 -22.66 -25.30 12.72
C LEU B 120 -23.14 -24.05 12.03
N VAL B 121 -23.13 -22.91 12.72
CA VAL B 121 -23.61 -21.67 12.12
C VAL B 121 -22.42 -21.08 11.35
N ARG B 122 -22.61 -20.95 10.05
CA ARG B 122 -21.62 -20.29 9.23
C ARG B 122 -22.25 -19.80 7.99
N GLY B 123 -21.61 -18.84 7.34
CA GLY B 123 -22.16 -18.30 6.11
C GLY B 123 -21.94 -19.25 4.95
N THR B 124 -22.66 -18.97 3.85
CA THR B 124 -22.54 -19.68 2.60
C THR B 124 -21.13 -19.74 2.12
N TRP B 125 -20.41 -18.64 2.29
CA TRP B 125 -19.04 -18.54 1.76
C TRP B 125 -18.04 -18.53 2.86
N GLN B 126 -18.41 -19.15 3.98
CA GLN B 126 -17.48 -19.19 5.13
C GLN B 126 -16.94 -20.60 5.37
N ASN B 127 -15.83 -20.98 4.73
CA ASN B 127 -15.27 -22.32 4.89
C ASN B 127 -14.14 -22.18 5.91
N ILE B 128 -13.81 -23.27 6.57
CA ILE B 128 -12.82 -23.36 7.64
C ILE B 128 -11.52 -23.95 7.11
N PHE B 129 -10.41 -23.23 7.28
CA PHE B 129 -9.13 -23.62 6.76
C PHE B 129 -8.06 -23.75 7.85
N LEU B 130 -7.26 -24.79 7.75
CA LEU B 130 -5.93 -24.82 8.34
C LEU B 130 -5.03 -24.04 7.39
N VAL B 131 -4.30 -23.09 7.98
CA VAL B 131 -3.29 -22.27 7.30
C VAL B 131 -1.94 -22.83 7.67
N GLU B 132 -1.30 -23.41 6.68
CA GLU B 132 0.09 -23.87 6.83
C GLU B 132 1.02 -22.79 6.31
N LEU B 133 1.96 -22.37 7.16
CA LEU B 133 2.96 -21.39 6.78
C LEU B 133 4.41 -21.89 6.82
N ASP B 134 4.60 -23.14 7.25
CA ASP B 134 5.94 -23.72 7.36
C ASP B 134 5.93 -25.19 6.99
N GLY B 135 5.23 -25.51 5.89
CA GLY B 135 5.21 -26.87 5.38
C GLY B 135 6.45 -27.19 4.57
N PRO B 136 6.57 -28.43 4.12
CA PRO B 136 5.63 -29.52 4.38
C PRO B 136 5.79 -30.06 5.79
N ARG B 137 4.68 -30.44 6.40
CA ARG B 137 4.70 -31.05 7.71
C ARG B 137 3.85 -32.32 7.64
N SER B 138 4.33 -33.39 8.25
CA SER B 138 3.66 -34.71 8.16
C SER B 138 2.40 -34.76 8.99
N GLU B 139 2.42 -34.07 10.13
CA GLU B 139 1.26 -34.06 11.00
C GLU B 139 0.98 -32.69 11.66
N ARG B 140 -0.04 -32.01 11.14
CA ARG B 140 -0.64 -30.89 11.87
C ARG B 140 -1.88 -31.43 12.60
N HIS B 141 -1.91 -31.15 13.89
CA HIS B 141 -2.94 -31.66 14.76
C HIS B 141 -3.91 -30.55 15.11
N ILE B 142 -5.16 -30.68 14.63
CA ILE B 142 -6.25 -29.80 14.97
C ILE B 142 -7.17 -30.50 15.97
N THR B 143 -7.46 -29.81 17.06
CA THR B 143 -8.47 -30.22 18.01
C THR B 143 -9.78 -29.49 17.70
N VAL B 144 -10.85 -30.28 17.66
CA VAL B 144 -12.16 -29.73 17.55
C VAL B 144 -12.92 -30.09 18.80
N GLU B 145 -13.41 -29.08 19.52
CA GLU B 145 -14.19 -29.26 20.69
C GLU B 145 -15.57 -28.67 20.50
N ILE B 146 -16.57 -29.47 20.80
CA ILE B 146 -17.95 -29.01 20.83
C ILE B 146 -18.46 -29.03 22.29
N LEU B 147 -18.97 -27.90 22.73
CA LEU B 147 -19.37 -27.70 24.10
C LEU B 147 -20.77 -27.10 24.09
N GLY B 148 -21.68 -27.69 24.84
CA GLY B 148 -23.04 -27.20 24.77
C GLY B 148 -24.00 -28.20 25.36
N GLU B 149 -25.26 -28.04 24.96
CA GLU B 149 -26.36 -28.91 25.33
C GLU B 149 -26.98 -29.50 24.08
N ILE C 6 -23.89 -27.95 47.17
CA ILE C 6 -24.93 -28.70 46.38
C ILE C 6 -24.32 -29.96 45.75
N HIS C 7 -24.89 -31.11 46.11
CA HIS C 7 -24.49 -32.38 45.55
C HIS C 7 -25.23 -32.57 44.23
N HIS C 8 -24.55 -32.23 43.15
CA HIS C 8 -25.09 -32.49 41.81
C HIS C 8 -25.09 -33.96 41.46
N HIS C 9 -26.05 -34.33 40.62
CA HIS C 9 -26.13 -35.69 40.09
C HIS C 9 -26.09 -35.80 38.57
N HIS C 10 -25.99 -34.66 37.87
CA HIS C 10 -25.96 -34.65 36.43
C HIS C 10 -24.79 -33.80 36.10
N HIS C 11 -24.29 -34.03 34.89
CA HIS C 11 -23.22 -33.25 34.30
C HIS C 11 -23.74 -31.81 34.30
N HIS C 12 -22.84 -30.89 34.61
CA HIS C 12 -23.24 -29.50 34.73
C HIS C 12 -22.04 -28.62 34.38
N MET C 13 -22.35 -27.38 34.00
CA MET C 13 -21.37 -26.40 33.56
C MET C 13 -20.67 -25.80 34.79
N LYS C 14 -19.32 -25.87 34.89
CA LYS C 14 -18.53 -25.19 35.93
C LYS C 14 -17.91 -24.00 35.24
N VAL C 15 -17.89 -22.86 35.92
CA VAL C 15 -17.19 -21.67 35.39
C VAL C 15 -16.26 -21.15 36.47
N TYR C 16 -14.97 -20.96 36.16
CA TYR C 16 -13.98 -20.59 37.16
C TYR C 16 -13.23 -19.41 36.60
N PHE C 17 -13.04 -18.39 37.43
CA PHE C 17 -12.37 -17.17 37.07
C PHE C 17 -11.13 -16.97 37.91
N ASP C 18 -10.08 -16.48 37.28
CA ASP C 18 -8.98 -15.95 38.02
C ASP C 18 -8.39 -14.81 37.18
N ASP C 19 -7.40 -14.13 37.74
CA ASP C 19 -6.86 -12.89 37.20
C ASP C 19 -5.35 -12.89 37.27
N ILE C 20 -4.75 -12.35 36.22
CA ILE C 20 -3.30 -12.17 36.19
C ILE C 20 -3.06 -10.67 35.98
N TYR C 21 -2.15 -10.11 36.78
CA TYR C 21 -1.76 -8.72 36.64
C TYR C 21 -0.37 -8.61 36.17
N VAL C 22 -0.15 -7.66 35.29
CA VAL C 22 1.18 -7.44 34.77
C VAL C 22 1.47 -5.96 34.76
N SER C 23 2.64 -5.62 35.26
CA SER C 23 3.19 -4.28 35.12
C SER C 23 4.16 -4.29 33.95
N THR C 24 3.99 -3.36 33.01
CA THR C 24 4.83 -3.36 31.83
C THR C 24 5.83 -2.23 31.89
N ALA C 25 7.03 -2.51 31.40
CA ALA C 25 8.16 -1.62 31.59
C ALA C 25 8.47 -0.80 30.36
N ARG C 26 8.15 -1.33 29.18
CA ARG C 26 8.47 -0.70 27.90
C ARG C 26 7.22 -0.39 27.11
N GLN C 27 7.34 0.48 26.10
CA GLN C 27 6.21 0.85 25.23
C GLN C 27 5.64 -0.36 24.53
N PHE C 28 6.52 -1.15 23.88
CA PHE C 28 6.20 -2.43 23.27
C PHE C 28 6.86 -3.58 24.05
N GLU C 29 6.07 -4.57 24.44
CA GLU C 29 6.58 -5.64 25.26
C GLU C 29 5.71 -6.88 25.11
N LEU C 30 6.34 -8.04 25.11
CA LEU C 30 5.61 -9.32 25.19
C LEU C 30 5.92 -9.89 26.55
N VAL C 31 4.88 -10.31 27.29
CA VAL C 31 5.09 -10.93 28.61
C VAL C 31 4.48 -12.30 28.61
N ASP C 32 5.33 -13.32 28.84
CA ASP C 32 4.89 -14.73 28.84
C ASP C 32 4.07 -15.03 30.09
N ILE C 33 2.83 -15.47 29.92
CA ILE C 33 1.92 -15.76 31.02
C ILE C 33 1.48 -17.21 31.03
N THR C 34 2.14 -18.01 30.21
CA THR C 34 1.74 -19.40 30.01
C THR C 34 1.63 -20.21 31.32
N ASP C 35 2.66 -20.13 32.17
CA ASP C 35 2.68 -20.92 33.42
C ASP C 35 1.59 -20.49 34.38
N GLN C 36 1.26 -19.19 34.42
CA GLN C 36 0.20 -18.65 35.25
C GLN C 36 -1.14 -19.11 34.77
N VAL C 37 -1.35 -19.09 33.44
CA VAL C 37 -2.61 -19.61 32.89
C VAL C 37 -2.77 -21.09 33.23
N GLU C 38 -1.69 -21.85 33.02
CA GLU C 38 -1.68 -23.27 33.31
C GLU C 38 -1.98 -23.55 34.78
N GLN C 39 -1.39 -22.79 35.68
CA GLN C 39 -1.71 -22.99 37.09
C GLN C 39 -3.22 -22.76 37.41
N ILE C 40 -3.82 -21.76 36.80
CA ILE C 40 -5.22 -21.45 37.02
C ILE C 40 -6.11 -22.55 36.41
N VAL C 41 -5.74 -23.05 35.24
CA VAL C 41 -6.44 -24.23 34.70
C VAL C 41 -6.39 -25.38 35.70
N GLU C 42 -5.21 -25.65 36.27
CA GLU C 42 -5.08 -26.71 37.27
C GLU C 42 -5.93 -26.43 38.51
N LYS C 43 -5.91 -25.19 38.99
CA LYS C 43 -6.66 -24.75 40.18
C LYS C 43 -8.16 -24.90 40.01
N SER C 44 -8.65 -24.72 38.78
CA SER C 44 -10.08 -24.75 38.48
C SER C 44 -10.71 -26.08 38.83
N GLY C 45 -9.93 -27.16 38.70
CA GLY C 45 -10.46 -28.51 38.82
C GLY C 45 -11.29 -28.99 37.63
N ILE C 46 -11.46 -28.15 36.62
CA ILE C 46 -12.24 -28.50 35.42
C ILE C 46 -11.31 -29.38 34.57
N LYS C 47 -11.85 -30.48 34.06
CA LYS C 47 -11.05 -31.43 33.25
C LYS C 47 -11.20 -31.19 31.75
N ASN C 48 -12.42 -30.86 31.32
CA ASN C 48 -12.74 -30.79 29.89
C ASN C 48 -13.55 -29.56 29.63
N GLY C 49 -13.03 -28.66 28.81
CA GLY C 49 -13.72 -27.42 28.56
C GLY C 49 -12.87 -26.49 27.74
N ILE C 50 -13.00 -25.21 28.02
CA ILE C 50 -12.24 -24.20 27.33
C ILE C 50 -11.61 -23.26 28.32
N CYS C 51 -10.53 -22.60 27.87
CA CYS C 51 -9.89 -21.60 28.69
C CYS C 51 -9.84 -20.33 27.80
N LEU C 52 -10.54 -19.30 28.26
CA LEU C 52 -10.53 -17.97 27.71
C LEU C 52 -9.51 -17.10 28.44
N ILE C 53 -8.60 -16.50 27.69
CA ILE C 53 -7.61 -15.57 28.22
C ILE C 53 -7.86 -14.24 27.54
N PHE C 54 -8.25 -13.23 28.33
CA PHE C 54 -8.91 -12.00 27.84
C PHE C 54 -8.34 -10.76 28.54
N VAL C 55 -8.02 -9.73 27.75
CA VAL C 55 -7.66 -8.42 28.32
C VAL C 55 -8.75 -7.42 28.04
N ALA C 56 -9.15 -6.75 29.09
CA ALA C 56 -10.15 -5.70 29.00
C ALA C 56 -9.48 -4.34 28.73
N HIS C 57 -8.65 -4.28 27.72
CA HIS C 57 -7.78 -3.15 27.46
C HIS C 57 -7.85 -2.96 25.96
N SER C 58 -7.80 -1.72 25.50
CA SER C 58 -7.88 -1.47 24.07
C SER C 58 -6.49 -1.22 23.44
N THR C 59 -5.42 -1.22 24.24
CA THR C 59 -4.07 -0.99 23.72
C THR C 59 -3.09 -2.11 24.11
N ALA C 60 -3.68 -3.23 24.49
CA ALA C 60 -3.00 -4.47 24.69
C ALA C 60 -3.77 -5.62 24.02
N ALA C 61 -3.09 -6.75 23.86
CA ALA C 61 -3.69 -7.91 23.21
C ALA C 61 -3.18 -9.19 23.84
N ILE C 62 -3.77 -10.31 23.41
CA ILE C 62 -3.32 -11.67 23.84
C ILE C 62 -2.99 -12.44 22.61
N VAL C 63 -1.78 -13.02 22.53
CA VAL C 63 -1.40 -13.88 21.40
C VAL C 63 -0.79 -15.17 21.90
N ALA C 64 -0.55 -16.10 20.99
CA ALA C 64 0.16 -17.31 21.36
C ALA C 64 1.21 -17.68 20.32
N ASN C 65 2.44 -17.84 20.76
CA ASN C 65 3.49 -18.26 19.85
C ASN C 65 4.69 -18.74 20.64
N GLU C 66 5.82 -18.93 19.95
CA GLU C 66 6.96 -19.54 20.55
C GLU C 66 7.80 -18.58 21.35
N HIS C 67 8.16 -19.01 22.57
CA HIS C 67 9.00 -18.19 23.41
C HIS C 67 10.45 -18.36 22.98
N GLU C 68 10.89 -17.53 22.06
CA GLU C 68 12.28 -17.45 21.67
C GLU C 68 12.59 -15.97 21.54
N ARG C 69 13.67 -15.53 22.14
CA ARG C 69 13.89 -14.11 22.35
C ARG C 69 14.00 -13.34 21.03
N GLY C 70 14.65 -13.95 20.03
CA GLY C 70 14.71 -13.37 18.68
C GLY C 70 13.32 -13.15 18.06
N LEU C 71 12.51 -14.21 18.09
CA LEU C 71 11.16 -14.16 17.61
C LEU C 71 10.30 -13.13 18.31
N MET C 72 10.48 -13.03 19.61
CA MET C 72 9.70 -12.07 20.37
C MET C 72 10.03 -10.66 19.86
N GLU C 73 11.29 -10.41 19.58
CA GLU C 73 11.70 -9.14 19.02
C GLU C 73 11.11 -8.97 17.61
N ASP C 74 11.12 -10.01 16.78
CA ASP C 74 10.50 -9.97 15.43
C ASP C 74 9.02 -9.61 15.52
N ILE C 75 8.31 -10.30 16.40
CA ILE C 75 6.88 -10.01 16.60
C ILE C 75 6.62 -8.53 16.87
N LEU C 76 7.37 -7.96 17.81
CA LEU C 76 7.16 -6.58 18.21
C LEU C 76 7.62 -5.64 17.09
N THR C 77 8.65 -6.03 16.35
CA THR C 77 9.14 -5.22 15.25
C THR C 77 8.08 -5.15 14.14
N LYS C 78 7.51 -6.30 13.79
CA LYS C 78 6.43 -6.37 12.80
C LYS C 78 5.18 -5.58 13.28
N ILE C 79 4.77 -5.73 14.54
CA ILE C 79 3.65 -4.98 15.06
C ILE C 79 3.91 -3.46 14.95
N LYS C 80 5.11 -3.03 15.34
CA LYS C 80 5.48 -1.62 15.20
C LYS C 80 5.41 -1.10 13.78
N GLU C 81 5.96 -1.86 12.84
CA GLU C 81 5.96 -1.48 11.42
C GLU C 81 4.55 -1.38 10.86
N PHE C 82 3.71 -2.34 11.25
CA PHE C 82 2.32 -2.40 10.83
C PHE C 82 1.44 -1.28 11.39
N THR C 83 1.67 -0.89 12.65
CA THR C 83 0.80 0.07 13.34
C THR C 83 1.27 1.53 13.18
N GLU C 84 2.56 1.72 12.87
CA GLU C 84 3.13 3.04 12.60
C GLU C 84 3.06 4.04 13.76
N PRO C 85 3.80 3.80 14.85
CA PRO C 85 3.71 4.73 15.95
C PRO C 85 3.98 6.19 15.58
N SER C 86 4.77 6.45 14.55
CA SER C 86 5.14 7.83 14.21
C SER C 86 4.14 8.52 13.27
N ARG C 87 3.15 7.78 12.77
CA ARG C 87 2.17 8.33 11.82
C ARG C 87 1.12 9.27 12.48
N SER C 88 0.70 10.29 11.74
CA SER C 88 -0.27 11.25 12.21
C SER C 88 -1.67 10.69 12.08
N TRP C 89 -1.92 9.58 12.76
CA TRP C 89 -3.27 9.05 12.86
C TRP C 89 -4.19 10.09 13.48
N LYS C 90 -5.48 10.05 13.07
CA LYS C 90 -6.47 11.00 13.57
C LYS C 90 -6.72 10.91 15.07
N HIS C 91 -6.65 9.71 15.64
CA HIS C 91 -6.74 9.55 17.07
C HIS C 91 -5.64 10.25 17.84
N ASN C 92 -4.50 10.49 17.21
CA ASN C 92 -3.37 11.10 17.91
C ASN C 92 -3.55 12.54 18.22
N LEU C 93 -4.59 13.13 17.65
CA LEU C 93 -5.00 14.45 18.07
C LEU C 93 -5.40 14.48 19.55
N ILE C 94 -5.91 13.34 20.03
CA ILE C 94 -6.48 13.20 21.36
C ILE C 94 -5.51 12.53 22.31
N ASP C 95 -4.87 11.53 21.77
CA ASP C 95 -3.96 10.71 22.50
C ASP C 95 -2.71 10.58 21.61
N ASP C 96 -1.69 9.89 22.08
CA ASP C 96 -0.54 9.51 21.26
C ASP C 96 -0.37 8.03 21.11
N ASN C 97 -1.45 7.28 21.01
CA ASN C 97 -1.33 5.83 21.04
C ASN C 97 -2.24 5.15 20.00
N ALA C 98 -2.58 5.88 18.93
CA ALA C 98 -3.39 5.30 17.85
C ALA C 98 -2.81 3.99 17.40
N HIS C 99 -1.50 3.92 17.22
CA HIS C 99 -0.85 2.69 16.77
C HIS C 99 -1.21 1.52 17.67
N ALA C 100 -1.28 1.76 18.98
CA ALA C 100 -1.53 0.71 19.96
C ALA C 100 -2.94 0.17 19.82
N HIS C 101 -3.89 1.07 19.62
CA HIS C 101 -5.27 0.68 19.37
C HIS C 101 -5.41 -0.15 18.07
N LEU C 102 -4.69 0.26 17.02
CA LEU C 102 -4.70 -0.49 15.76
C LEU C 102 -4.16 -1.90 15.91
N GLY C 103 -3.02 -2.05 16.57
CA GLY C 103 -2.44 -3.37 16.83
C GLY C 103 -3.36 -4.26 17.60
N ALA C 104 -3.95 -3.72 18.66
CA ALA C 104 -4.83 -4.51 19.52
C ALA C 104 -6.09 -4.92 18.74
N THR C 105 -6.60 -4.00 17.93
CA THR C 105 -7.79 -4.26 17.11
C THR C 105 -7.55 -5.47 16.20
N PHE C 106 -6.41 -5.50 15.52
CA PHE C 106 -6.04 -6.63 14.65
C PHE C 106 -5.72 -7.89 15.40
N LEU C 107 -5.00 -7.77 16.52
CA LEU C 107 -4.47 -8.97 17.20
C LEU C 107 -5.57 -9.66 17.95
N GLY C 108 -6.43 -8.86 18.54
CA GLY C 108 -7.52 -9.35 19.36
C GLY C 108 -7.21 -9.30 20.87
N ALA C 109 -8.25 -9.10 21.66
CA ALA C 109 -8.15 -9.07 23.13
C ALA C 109 -8.10 -10.43 23.78
N GLU C 110 -8.41 -11.49 23.01
CA GLU C 110 -8.57 -12.84 23.62
C GLU C 110 -8.04 -13.96 22.80
N ARG C 111 -7.67 -15.05 23.49
CA ARG C 111 -7.43 -16.28 22.84
C ARG C 111 -8.18 -17.35 23.63
N VAL C 112 -8.60 -18.38 22.94
CA VAL C 112 -9.39 -19.48 23.54
C VAL C 112 -8.62 -20.79 23.29
N PHE C 113 -8.37 -21.53 24.36
CA PHE C 113 -7.64 -22.80 24.28
C PHE C 113 -8.57 -23.95 24.73
N PRO C 114 -8.35 -25.16 24.19
CA PRO C 114 -9.05 -26.29 24.75
C PRO C 114 -8.42 -26.67 26.08
N VAL C 115 -9.24 -27.24 26.94
CA VAL C 115 -8.81 -27.87 28.18
C VAL C 115 -9.31 -29.30 28.11
N ARG C 116 -8.37 -30.26 28.23
CA ARG C 116 -8.70 -31.65 27.91
C ARG C 116 -7.97 -32.56 28.86
N GLU C 117 -8.73 -33.55 29.36
CA GLU C 117 -8.26 -34.53 30.34
C GLU C 117 -7.40 -33.80 31.34
N GLY C 118 -7.89 -32.64 31.80
CA GLY C 118 -7.23 -31.80 32.83
C GLY C 118 -6.12 -30.81 32.42
N LYS C 119 -5.75 -30.81 31.14
CA LYS C 119 -4.59 -30.02 30.72
C LYS C 119 -4.99 -28.94 29.72
N LEU C 120 -4.29 -27.81 29.73
CA LEU C 120 -4.39 -26.86 28.63
C LEU C 120 -3.87 -27.60 27.42
N VAL C 121 -4.63 -27.59 26.33
CA VAL C 121 -4.15 -28.17 25.08
C VAL C 121 -3.39 -27.10 24.36
N ARG C 122 -2.11 -27.35 24.10
CA ARG C 122 -1.29 -26.43 23.35
C ARG C 122 -0.04 -27.09 22.85
N GLY C 123 0.55 -26.51 21.83
CA GLY C 123 1.73 -27.10 21.26
C GLY C 123 2.93 -26.91 22.18
N THR C 124 3.96 -27.71 21.90
CA THR C 124 5.22 -27.57 22.59
C THR C 124 5.73 -26.12 22.49
N TRP C 125 5.54 -25.46 21.35
CA TRP C 125 6.13 -24.12 21.14
C TRP C 125 5.05 -23.03 21.03
N GLN C 126 3.95 -23.27 21.74
CA GLN C 126 2.84 -22.39 21.75
C GLN C 126 2.65 -21.80 23.14
N ASN C 127 3.26 -20.64 23.39
CA ASN C 127 3.18 -20.01 24.71
C ASN C 127 2.21 -18.85 24.59
N ILE C 128 1.68 -18.43 25.74
CA ILE C 128 0.67 -17.39 25.78
C ILE C 128 1.30 -16.08 26.24
N PHE C 129 1.05 -15.01 25.47
CA PHE C 129 1.65 -13.70 25.76
C PHE C 129 0.65 -12.57 25.88
N LEU C 130 0.86 -11.75 26.86
CA LEU C 130 0.30 -10.41 26.89
C LEU C 130 1.11 -9.55 25.95
N VAL C 131 0.43 -8.87 25.03
CA VAL C 131 1.12 -7.97 24.10
C VAL C 131 0.83 -6.55 24.60
N GLU C 132 1.88 -5.84 25.04
CA GLU C 132 1.77 -4.45 25.43
C GLU C 132 2.18 -3.61 24.27
N LEU C 133 1.34 -2.65 23.92
CA LEU C 133 1.65 -1.71 22.81
C LEU C 133 1.69 -0.27 23.21
N ASP C 134 1.32 0.02 24.45
CA ASP C 134 1.29 1.38 24.98
C ASP C 134 1.82 1.43 26.43
N GLY C 135 2.95 0.76 26.68
CA GLY C 135 3.54 0.79 28.04
C GLY C 135 4.41 2.03 28.22
N PRO C 136 4.96 2.21 29.44
CA PRO C 136 4.74 1.36 30.59
C PRO C 136 3.36 1.56 31.17
N ARG C 137 2.77 0.47 31.65
CA ARG C 137 1.48 0.54 32.35
C ARG C 137 1.71 -0.20 33.64
N SER C 138 1.18 0.35 34.74
CA SER C 138 1.34 -0.24 36.07
C SER C 138 0.49 -1.47 36.27
N GLU C 139 -0.69 -1.52 35.66
CA GLU C 139 -1.61 -2.64 35.86
C GLU C 139 -2.32 -3.01 34.57
N ARG C 140 -1.79 -4.02 33.92
CA ARG C 140 -2.54 -4.73 32.86
C ARG C 140 -3.21 -5.91 33.51
N HIS C 141 -4.52 -6.01 33.32
CA HIS C 141 -5.33 -7.04 33.91
C HIS C 141 -5.73 -8.04 32.82
N ILE C 142 -5.35 -9.29 33.03
CA ILE C 142 -5.76 -10.39 32.18
C ILE C 142 -6.76 -11.27 32.97
N THR C 143 -7.93 -11.49 32.38
CA THR C 143 -8.89 -12.42 32.94
C THR C 143 -8.64 -13.78 32.39
N VAL C 144 -8.68 -14.79 33.26
CA VAL C 144 -8.57 -16.17 32.83
C VAL C 144 -9.85 -16.83 33.25
N GLU C 145 -10.60 -17.35 32.30
CA GLU C 145 -11.85 -18.05 32.61
C GLU C 145 -11.80 -19.48 32.10
N ILE C 146 -12.09 -20.44 32.97
CA ILE C 146 -12.19 -21.82 32.56
C ILE C 146 -13.67 -22.20 32.63
N LEU C 147 -14.17 -22.85 31.60
CA LEU C 147 -15.59 -23.24 31.52
C LEU C 147 -15.66 -24.67 31.03
N GLY C 148 -16.41 -25.54 31.72
CA GLY C 148 -16.48 -26.95 31.35
C GLY C 148 -16.91 -27.84 32.50
N GLU C 149 -16.48 -29.10 32.47
CA GLU C 149 -16.82 -30.14 33.48
C GLU C 149 -15.50 -30.60 34.13
N HIS D 12 29.55 30.08 -30.25
CA HIS D 12 28.45 30.74 -29.50
C HIS D 12 27.88 29.83 -28.42
N MET D 13 27.67 28.56 -28.78
CA MET D 13 27.11 27.53 -27.90
C MET D 13 28.19 26.74 -27.22
N LYS D 14 27.77 26.25 -26.06
CA LYS D 14 28.66 25.49 -25.23
C LYS D 14 27.87 24.39 -24.56
N VAL D 15 28.54 23.25 -24.40
CA VAL D 15 27.99 22.11 -23.63
C VAL D 15 28.97 21.82 -22.48
N TYR D 16 28.49 21.87 -21.25
CA TYR D 16 29.31 21.73 -20.11
C TYR D 16 28.74 20.60 -19.24
N PHE D 17 29.61 19.69 -18.82
CA PHE D 17 29.21 18.57 -17.97
C PHE D 17 29.92 18.62 -16.61
N ASP D 18 29.21 18.17 -15.60
CA ASP D 18 29.85 17.83 -14.37
C ASP D 18 29.05 16.69 -13.75
N ASP D 19 29.57 16.17 -12.67
CA ASP D 19 29.03 15.00 -12.06
C ASP D 19 28.94 15.17 -10.54
N ILE D 20 27.84 14.68 -10.01
CA ILE D 20 27.57 14.72 -8.59
C ILE D 20 27.51 13.27 -8.18
N TYR D 21 28.22 12.93 -7.12
CA TYR D 21 28.17 11.57 -6.57
C TYR D 21 27.64 11.61 -5.14
N VAL D 22 26.68 10.74 -4.90
CA VAL D 22 25.91 10.74 -3.67
C VAL D 22 25.90 9.35 -3.09
N SER D 23 26.31 9.23 -1.83
CA SER D 23 26.09 8.00 -1.07
C SER D 23 24.76 8.13 -0.36
N THR D 24 23.97 7.07 -0.37
CA THR D 24 22.70 7.10 0.32
C THR D 24 22.69 6.11 1.48
N ALA D 25 22.03 6.49 2.56
CA ALA D 25 22.10 5.80 3.85
C ALA D 25 20.89 4.93 4.12
N ARG D 26 19.74 5.30 3.55
CA ARG D 26 18.49 4.61 3.84
C ARG D 26 17.86 4.07 2.56
N GLN D 27 16.97 3.10 2.70
CA GLN D 27 16.30 2.50 1.56
C GLN D 27 15.57 3.57 0.74
N PHE D 28 14.78 4.41 1.41
CA PHE D 28 14.12 5.56 0.78
C PHE D 28 14.73 6.87 1.31
N GLU D 29 15.17 7.74 0.42
CA GLU D 29 15.81 8.96 0.86
C GLU D 29 15.64 10.05 -0.22
N LEU D 30 15.48 11.28 0.22
CA LEU D 30 15.60 12.46 -0.64
C LEU D 30 16.89 13.19 -0.29
N VAL D 31 17.71 13.47 -1.27
CA VAL D 31 18.95 14.19 -1.09
C VAL D 31 18.93 15.44 -1.93
N ASP D 32 18.96 16.57 -1.25
CA ASP D 32 18.89 17.85 -1.90
C ASP D 32 20.24 18.15 -2.55
N ILE D 33 20.24 18.33 -3.87
CA ILE D 33 21.47 18.64 -4.66
C ILE D 33 21.39 20.01 -5.33
N THR D 34 20.45 20.84 -4.87
CA THR D 34 20.23 22.18 -5.47
C THR D 34 21.51 22.96 -5.52
N ASP D 35 22.21 23.07 -4.40
CA ASP D 35 23.41 23.94 -4.33
C ASP D 35 24.49 23.49 -5.33
N GLN D 36 24.65 22.18 -5.42
CA GLN D 36 25.62 21.58 -6.32
C GLN D 36 25.27 21.80 -7.78
N VAL D 37 24.00 21.70 -8.10
CA VAL D 37 23.53 22.00 -9.45
C VAL D 37 23.77 23.49 -9.76
N GLU D 38 23.42 24.38 -8.81
CA GLU D 38 23.69 25.81 -8.99
C GLU D 38 25.14 26.10 -9.21
N GLN D 39 26.00 25.43 -8.46
CA GLN D 39 27.42 25.66 -8.61
C GLN D 39 27.91 25.31 -10.03
N ILE D 40 27.39 24.21 -10.54
CA ILE D 40 27.73 23.71 -11.87
C ILE D 40 27.24 24.70 -12.90
N VAL D 41 26.02 25.17 -12.77
CA VAL D 41 25.53 26.21 -13.67
C VAL D 41 26.48 27.42 -13.67
N GLU D 42 26.87 27.88 -12.48
CA GLU D 42 27.76 29.01 -12.38
C GLU D 42 29.11 28.73 -13.07
N LYS D 43 29.68 27.59 -12.76
CA LYS D 43 30.98 27.19 -13.30
C LYS D 43 30.96 27.07 -14.84
N SER D 44 29.84 26.65 -15.42
CA SER D 44 29.73 26.48 -16.88
C SER D 44 29.95 27.78 -17.65
N GLY D 45 29.68 28.91 -17.03
CA GLY D 45 29.77 30.22 -17.70
C GLY D 45 28.66 30.47 -18.69
N ILE D 46 27.71 29.55 -18.79
CA ILE D 46 26.61 29.67 -19.75
C ILE D 46 25.57 30.65 -19.19
N LYS D 47 25.11 31.55 -20.03
CA LYS D 47 24.17 32.59 -19.58
C LYS D 47 22.72 32.22 -19.88
N ASN D 48 22.48 31.63 -21.07
CA ASN D 48 21.13 31.28 -21.48
C ASN D 48 21.14 29.93 -22.11
N GLY D 49 20.30 29.03 -21.61
CA GLY D 49 20.26 27.68 -22.16
C GLY D 49 19.41 26.78 -21.29
N ILE D 50 19.84 25.54 -21.15
CA ILE D 50 19.14 24.58 -20.32
C ILE D 50 20.10 23.86 -19.35
N CYS D 51 19.52 23.33 -18.28
CA CYS D 51 20.22 22.55 -17.30
C CYS D 51 19.53 21.19 -17.20
N LEU D 52 20.17 20.13 -17.66
CA LEU D 52 19.68 18.78 -17.53
C LEU D 52 20.32 18.12 -16.31
N ILE D 53 19.50 17.54 -15.43
CA ILE D 53 19.95 16.84 -14.26
C ILE D 53 19.43 15.41 -14.43
N PHE D 54 20.35 14.46 -14.52
CA PHE D 54 20.04 13.11 -15.00
C PHE D 54 20.72 12.06 -14.13
N VAL D 55 19.95 11.09 -13.68
CA VAL D 55 20.50 9.93 -12.97
C VAL D 55 20.47 8.68 -13.86
N ALA D 56 21.64 8.06 -14.00
CA ALA D 56 21.83 6.90 -14.86
C ALA D 56 21.65 5.64 -14.03
N HIS D 57 20.48 5.52 -13.44
CA HIS D 57 20.16 4.48 -12.48
C HIS D 57 18.68 4.18 -12.67
N SER D 58 18.27 2.91 -12.57
CA SER D 58 16.88 2.54 -12.81
C SER D 58 16.08 2.41 -11.51
N THR D 59 16.68 2.65 -10.35
CA THR D 59 15.99 2.55 -9.06
C THR D 59 16.18 3.87 -8.27
N ALA D 60 16.54 4.92 -8.99
CA ALA D 60 16.57 6.27 -8.42
C ALA D 60 15.94 7.24 -9.41
N ALA D 61 15.63 8.44 -8.94
CA ALA D 61 14.97 9.40 -9.81
C ALA D 61 15.43 10.80 -9.39
N ILE D 62 15.02 11.78 -10.18
CA ILE D 62 15.25 13.22 -9.91
C ILE D 62 13.90 13.88 -9.86
N VAL D 63 13.64 14.64 -8.80
CA VAL D 63 12.42 15.43 -8.68
C VAL D 63 12.76 16.82 -8.17
N ALA D 64 11.77 17.70 -8.25
CA ALA D 64 11.93 19.02 -7.65
C ALA D 64 10.71 19.46 -6.88
N ASN D 65 10.94 19.85 -5.65
CA ASN D 65 9.89 20.42 -4.87
C ASN D 65 10.50 21.09 -3.66
N GLU D 66 9.67 21.41 -2.68
CA GLU D 66 10.08 22.28 -1.59
C GLU D 66 10.84 21.50 -0.52
N HIS D 67 11.95 22.08 -0.10
CA HIS D 67 12.74 21.51 0.99
C HIS D 67 12.09 21.89 2.30
N GLU D 68 11.17 21.06 2.73
CA GLU D 68 10.55 21.18 4.04
C GLU D 68 10.45 19.76 4.53
N ARG D 69 10.94 19.50 5.73
CA ARG D 69 11.14 18.10 6.13
C ARG D 69 9.84 17.28 6.19
N GLY D 70 8.74 17.92 6.58
CA GLY D 70 7.45 17.27 6.60
C GLY D 70 7.10 16.81 5.20
N LEU D 71 7.13 17.74 4.24
CA LEU D 71 6.84 17.41 2.87
C LEU D 71 7.74 16.33 2.35
N MET D 72 9.03 16.37 2.70
CA MET D 72 9.98 15.36 2.27
C MET D 72 9.56 13.98 2.73
N GLU D 73 9.11 13.89 3.97
CA GLU D 73 8.56 12.66 4.53
C GLU D 73 7.28 12.19 3.78
N ASP D 74 6.38 13.14 3.55
CA ASP D 74 5.16 12.91 2.78
C ASP D 74 5.46 12.36 1.39
N ILE D 75 6.45 12.97 0.69
CA ILE D 75 6.82 12.52 -0.65
C ILE D 75 7.24 11.07 -0.63
N LEU D 76 8.06 10.70 0.34
CA LEU D 76 8.59 9.34 0.38
C LEU D 76 7.50 8.34 0.82
N THR D 77 6.60 8.79 1.67
CA THR D 77 5.48 7.98 2.13
C THR D 77 4.54 7.71 0.97
N LYS D 78 4.18 8.75 0.21
CA LYS D 78 3.37 8.53 -0.99
C LYS D 78 4.08 7.61 -1.97
N ILE D 79 5.37 7.83 -2.25
CA ILE D 79 6.09 6.92 -3.11
C ILE D 79 6.06 5.47 -2.63
N LYS D 80 6.31 5.25 -1.35
CA LYS D 80 6.26 3.88 -0.79
C LYS D 80 4.90 3.20 -0.94
N GLU D 81 3.85 3.94 -0.66
CA GLU D 81 2.48 3.43 -0.79
C GLU D 81 2.17 3.12 -2.23
N PHE D 82 2.63 3.98 -3.15
CA PHE D 82 2.37 3.78 -4.59
C PHE D 82 3.11 2.57 -5.15
N THR D 83 4.36 2.41 -4.74
CA THR D 83 5.26 1.40 -5.31
C THR D 83 5.25 0.05 -4.62
N GLU D 84 4.75 0.01 -3.38
CA GLU D 84 4.50 -1.23 -2.62
C GLU D 84 5.75 -2.09 -2.42
N PRO D 85 6.69 -1.62 -1.60
CA PRO D 85 7.87 -2.47 -1.37
C PRO D 85 7.63 -3.87 -0.88
N SER D 86 6.52 -4.16 -0.19
CA SER D 86 6.26 -5.51 0.29
C SER D 86 5.57 -6.42 -0.69
N ARG D 87 5.10 -5.90 -1.83
CA ARG D 87 4.32 -6.67 -2.76
C ARG D 87 5.15 -7.65 -3.51
N SER D 88 4.55 -8.78 -3.84
CA SER D 88 5.25 -9.82 -4.59
C SER D 88 5.18 -9.56 -6.11
N TRP D 89 5.76 -8.41 -6.48
CA TRP D 89 5.99 -8.09 -7.85
C TRP D 89 6.80 -9.21 -8.55
N LYS D 90 6.52 -9.47 -9.83
CA LYS D 90 7.20 -10.52 -10.56
C LYS D 90 8.73 -10.32 -10.66
N HIS D 91 9.18 -9.06 -10.71
CA HIS D 91 10.61 -8.73 -10.69
C HIS D 91 11.28 -9.18 -9.42
N ASN D 92 10.52 -9.25 -8.32
CA ASN D 92 11.14 -9.67 -7.06
C ASN D 92 11.50 -11.13 -6.94
N LEU D 93 11.12 -11.94 -7.93
CA LEU D 93 11.69 -13.26 -8.08
C LEU D 93 13.20 -13.21 -8.35
N ILE D 94 13.68 -12.14 -8.99
CA ILE D 94 15.09 -12.00 -9.34
C ILE D 94 15.83 -11.05 -8.41
N ASP D 95 15.12 -10.09 -7.87
CA ASP D 95 15.78 -9.04 -7.15
C ASP D 95 14.72 -8.27 -6.45
N ASP D 96 14.92 -7.96 -5.16
CA ASP D 96 13.89 -7.49 -4.23
C ASP D 96 13.64 -5.99 -4.30
N ASN D 97 13.69 -5.40 -5.48
CA ASN D 97 13.56 -3.97 -5.58
C ASN D 97 12.60 -3.50 -6.68
N ALA D 98 11.62 -4.36 -7.01
CA ALA D 98 10.62 -4.02 -8.01
C ALA D 98 10.05 -2.63 -7.70
N HIS D 99 9.72 -2.37 -6.45
CA HIS D 99 9.07 -1.09 -6.08
C HIS D 99 9.91 0.12 -6.51
N ALA D 100 11.23 -0.03 -6.37
CA ALA D 100 12.14 1.06 -6.72
C ALA D 100 12.13 1.35 -8.22
N HIS D 101 12.13 0.29 -9.01
CA HIS D 101 12.03 0.46 -10.45
C HIS D 101 10.70 1.11 -10.81
N LEU D 102 9.60 0.72 -10.16
CA LEU D 102 8.31 1.29 -10.48
C LEU D 102 8.27 2.80 -10.16
N GLY D 103 8.82 3.18 -9.03
CA GLY D 103 8.84 4.57 -8.63
C GLY D 103 9.67 5.39 -9.57
N ALA D 104 10.84 4.85 -9.97
CA ALA D 104 11.75 5.50 -10.86
C ALA D 104 11.11 5.66 -12.22
N THR D 105 10.41 4.65 -12.66
CA THR D 105 9.69 4.70 -13.94
C THR D 105 8.73 5.82 -14.02
N PHE D 106 7.91 5.97 -12.97
CA PHE D 106 6.94 7.03 -12.90
C PHE D 106 7.53 8.41 -12.70
N LEU D 107 8.51 8.55 -11.83
CA LEU D 107 9.03 9.87 -11.47
C LEU D 107 9.94 10.40 -12.57
N GLY D 108 10.73 9.53 -13.16
CA GLY D 108 11.67 9.92 -14.22
C GLY D 108 13.09 10.11 -13.70
N ALA D 109 14.05 9.87 -14.59
CA ALA D 109 15.45 9.96 -14.26
C ALA D 109 16.01 11.35 -14.43
N GLU D 110 15.23 12.27 -14.98
CA GLU D 110 15.74 13.59 -15.40
C GLU D 110 14.75 14.69 -15.12
N ARG D 111 15.30 15.86 -14.84
CA ARG D 111 14.55 17.12 -14.92
C ARG D 111 15.36 18.11 -15.73
N VAL D 112 14.65 19.02 -16.40
CA VAL D 112 15.30 20.06 -17.24
C VAL D 112 14.83 21.39 -16.71
N PHE D 113 15.79 22.27 -16.41
CA PHE D 113 15.49 23.63 -15.94
C PHE D 113 16.03 24.62 -16.93
N PRO D 114 15.40 25.79 -17.02
CA PRO D 114 16.00 26.82 -17.82
C PRO D 114 17.20 27.44 -17.12
N VAL D 115 18.17 27.92 -17.92
CA VAL D 115 19.17 28.82 -17.46
C VAL D 115 18.96 30.17 -18.18
N ARG D 116 18.85 31.24 -17.42
CA ARG D 116 18.42 32.52 -18.00
C ARG D 116 19.13 33.70 -17.34
N GLU D 117 19.79 34.52 -18.15
CA GLU D 117 20.58 35.62 -17.63
C GLU D 117 21.53 35.13 -16.54
N GLY D 118 22.19 33.98 -16.80
CA GLY D 118 23.21 33.43 -15.91
C GLY D 118 22.70 32.72 -14.66
N LYS D 119 21.38 32.59 -14.49
CA LYS D 119 20.79 31.99 -13.29
C LYS D 119 20.03 30.72 -13.69
N LEU D 120 20.06 29.73 -12.82
CA LEU D 120 19.14 28.61 -12.88
C LEU D 120 17.75 29.13 -12.51
N VAL D 121 16.81 28.98 -13.44
CA VAL D 121 15.46 29.46 -13.22
C VAL D 121 14.77 28.42 -12.40
N ARG D 122 14.37 28.84 -11.20
CA ARG D 122 13.60 27.97 -10.34
C ARG D 122 12.87 28.73 -9.28
N GLY D 123 11.79 28.15 -8.78
CA GLY D 123 10.98 28.84 -7.81
C GLY D 123 11.61 28.86 -6.44
N THR D 124 11.09 29.77 -5.64
CA THR D 124 11.51 29.98 -4.26
C THR D 124 11.48 28.72 -3.47
N TRP D 125 10.51 27.87 -3.78
CA TRP D 125 10.30 26.60 -3.07
C TRP D 125 10.52 25.38 -3.97
N GLN D 126 11.41 25.51 -4.93
CA GLN D 126 11.64 24.45 -5.88
C GLN D 126 13.09 24.00 -5.77
N ASN D 127 13.35 22.99 -4.96
CA ASN D 127 14.69 22.48 -4.79
C ASN D 127 14.80 21.18 -5.58
N ILE D 128 16.01 20.80 -5.91
CA ILE D 128 16.25 19.64 -6.74
C ILE D 128 16.74 18.49 -5.87
N PHE D 129 16.08 17.33 -5.98
CA PHE D 129 16.39 16.15 -5.18
C PHE D 129 16.72 14.92 -5.99
N LEU D 130 17.73 14.21 -5.53
CA LEU D 130 17.91 12.81 -5.90
C LEU D 130 16.92 12.05 -5.03
N VAL D 131 16.11 11.23 -5.67
CA VAL D 131 15.20 10.32 -4.97
C VAL D 131 15.82 8.92 -4.98
N GLU D 132 16.17 8.44 -3.80
CA GLU D 132 16.70 7.09 -3.64
C GLU D 132 15.56 6.21 -3.23
N LEU D 133 15.36 5.11 -3.96
CA LEU D 133 14.29 4.13 -3.64
C LEU D 133 14.82 2.73 -3.34
N ASP D 134 16.14 2.54 -3.46
CA ASP D 134 16.77 1.24 -3.19
C ASP D 134 18.10 1.40 -2.48
N GLY D 135 18.16 2.26 -1.48
CA GLY D 135 19.41 2.46 -0.75
C GLY D 135 19.54 1.36 0.31
N PRO D 136 20.68 1.32 1.03
CA PRO D 136 21.80 2.25 0.85
C PRO D 136 22.59 1.90 -0.40
N ARG D 137 23.13 2.94 -1.06
CA ARG D 137 24.03 2.76 -2.19
C ARG D 137 25.23 3.62 -1.91
N SER D 138 26.40 3.10 -2.26
CA SER D 138 27.66 3.80 -2.07
C SER D 138 27.82 4.95 -3.04
N GLU D 139 27.42 4.73 -4.28
CA GLU D 139 27.56 5.76 -5.30
C GLU D 139 26.35 5.85 -6.23
N ARG D 140 25.57 6.91 -6.04
CA ARG D 140 24.61 7.33 -7.05
C ARG D 140 25.24 8.47 -7.84
N HIS D 141 25.20 8.33 -9.16
CA HIS D 141 25.89 9.22 -10.06
C HIS D 141 24.84 10.06 -10.79
N ILE D 142 24.91 11.35 -10.59
CA ILE D 142 24.08 12.29 -11.30
C ILE D 142 24.93 13.07 -12.31
N THR D 143 24.47 13.09 -13.55
CA THR D 143 25.06 13.89 -14.58
C THR D 143 24.34 15.23 -14.61
N VAL D 144 25.11 16.32 -14.62
CA VAL D 144 24.53 17.62 -14.83
C VAL D 144 25.15 18.19 -16.10
N GLU D 145 24.31 18.56 -17.02
CA GLU D 145 24.73 19.06 -18.30
C GLU D 145 24.07 20.41 -18.53
N ILE D 146 24.91 21.41 -18.81
CA ILE D 146 24.46 22.76 -19.11
C ILE D 146 24.78 22.99 -20.59
N LEU D 147 23.76 23.42 -21.35
CA LEU D 147 23.90 23.61 -22.76
C LEU D 147 23.33 25.00 -23.11
N GLY D 148 24.09 25.80 -23.86
CA GLY D 148 23.58 27.11 -24.22
C GLY D 148 24.66 28.09 -24.61
N GLU D 149 24.29 29.38 -24.54
CA GLU D 149 25.16 30.54 -24.93
C GLU D 149 25.59 31.29 -23.68
N HIS E 12 29.26 24.06 -35.69
CA HIS E 12 29.39 23.65 -34.27
C HIS E 12 28.09 22.98 -33.74
N MET E 13 27.08 23.72 -33.26
CA MET E 13 25.80 23.10 -32.79
C MET E 13 25.12 22.57 -34.01
N LYS E 14 24.45 21.43 -33.84
CA LYS E 14 23.80 20.65 -34.87
C LYS E 14 22.53 20.09 -34.21
N VAL E 15 21.49 19.94 -35.00
CA VAL E 15 20.19 19.35 -34.62
C VAL E 15 19.95 18.24 -35.64
N TYR E 16 19.65 17.04 -35.16
CA TYR E 16 19.41 15.89 -36.04
C TYR E 16 18.12 15.21 -35.62
N PHE E 17 17.27 14.92 -36.61
CA PHE E 17 16.02 14.22 -36.32
C PHE E 17 15.96 12.92 -37.00
N ASP E 18 15.27 11.95 -36.37
CA ASP E 18 14.82 10.77 -37.09
C ASP E 18 13.54 10.33 -36.42
N ASP E 19 12.92 9.31 -37.01
CA ASP E 19 11.59 8.84 -36.60
C ASP E 19 11.58 7.34 -36.47
N ILE E 20 10.88 6.89 -35.43
CA ILE E 20 10.67 5.50 -35.14
C ILE E 20 9.19 5.31 -35.21
N TYR E 21 8.80 4.29 -35.97
CA TYR E 21 7.37 3.95 -36.10
C TYR E 21 7.16 2.55 -35.54
N VAL E 22 6.14 2.45 -34.67
CA VAL E 22 5.88 1.21 -33.96
C VAL E 22 4.43 0.82 -34.14
N SER E 23 4.19 -0.42 -34.54
CA SER E 23 2.84 -0.98 -34.51
C SER E 23 2.73 -1.75 -33.23
N THR E 24 1.64 -1.58 -32.50
CA THR E 24 1.45 -2.26 -31.22
C THR E 24 0.32 -3.29 -31.36
N ALA E 25 0.47 -4.42 -30.67
CA ALA E 25 -0.38 -5.59 -30.84
C ALA E 25 -1.41 -5.76 -29.71
N ARG E 26 -1.09 -5.27 -28.52
CA ARG E 26 -1.92 -5.42 -27.33
C ARG E 26 -2.40 -4.06 -26.83
N GLN E 27 -3.44 -4.08 -26.01
CA GLN E 27 -3.98 -2.88 -25.44
C GLN E 27 -2.93 -2.16 -24.57
N PHE E 28 -2.27 -2.92 -23.68
CA PHE E 28 -1.17 -2.42 -22.88
C PHE E 28 0.10 -3.14 -23.27
N GLU E 29 1.14 -2.39 -23.62
CA GLU E 29 2.36 -2.99 -24.09
C GLU E 29 3.54 -2.09 -23.84
N LEU E 30 4.70 -2.69 -23.55
CA LEU E 30 5.96 -1.98 -23.54
C LEU E 30 6.77 -2.44 -24.76
N VAL E 31 7.29 -1.49 -25.54
CA VAL E 31 8.10 -1.79 -26.70
C VAL E 31 9.45 -1.12 -26.50
N ASP E 32 10.51 -1.92 -26.48
CA ASP E 32 11.85 -1.45 -26.21
C ASP E 32 12.42 -0.89 -27.50
N ILE E 33 12.77 0.37 -27.46
CA ILE E 33 13.29 1.11 -28.60
C ILE E 33 14.71 1.59 -28.41
N THR E 34 15.37 1.10 -27.37
CA THR E 34 16.72 1.52 -27.03
C THR E 34 17.66 1.43 -28.22
N ASP E 35 17.70 0.28 -28.89
CA ASP E 35 18.64 0.08 -30.01
C ASP E 35 18.45 1.13 -31.09
N GLN E 36 17.19 1.38 -31.41
CA GLN E 36 16.81 2.35 -32.43
C GLN E 36 17.23 3.75 -32.09
N VAL E 37 17.03 4.11 -30.83
CA VAL E 37 17.43 5.43 -30.33
C VAL E 37 18.94 5.54 -30.41
N GLU E 38 19.65 4.51 -29.97
CA GLU E 38 21.12 4.52 -30.04
C GLU E 38 21.67 4.62 -31.42
N GLN E 39 21.02 3.95 -32.35
CA GLN E 39 21.40 4.03 -33.76
C GLN E 39 21.29 5.45 -34.29
N ILE E 40 20.21 6.12 -33.90
CA ILE E 40 20.00 7.53 -34.28
C ILE E 40 21.04 8.43 -33.66
N VAL E 41 21.35 8.22 -32.39
CA VAL E 41 22.43 8.98 -31.78
C VAL E 41 23.72 8.82 -32.59
N GLU E 42 24.06 7.58 -32.94
CA GLU E 42 25.29 7.34 -33.69
C GLU E 42 25.23 8.04 -35.03
N LYS E 43 24.11 7.89 -35.72
CA LYS E 43 23.96 8.45 -37.08
C LYS E 43 24.07 9.98 -37.08
N SER E 44 23.64 10.63 -36.00
CA SER E 44 23.66 12.10 -35.92
C SER E 44 25.07 12.68 -35.99
N GLY E 45 26.07 11.93 -35.55
CA GLY E 45 27.44 12.39 -35.52
C GLY E 45 27.69 13.41 -34.42
N ILE E 46 26.70 13.65 -33.58
CA ILE E 46 26.83 14.59 -32.46
C ILE E 46 27.54 13.91 -31.33
N LYS E 47 28.48 14.63 -30.70
CA LYS E 47 29.33 14.04 -29.65
C LYS E 47 28.84 14.36 -28.22
N ASN E 48 28.42 15.60 -28.02
CA ASN E 48 28.05 16.12 -26.71
C ASN E 48 26.79 16.93 -26.87
N GLY E 49 25.75 16.56 -26.15
CA GLY E 49 24.47 17.27 -26.30
C GLY E 49 23.38 16.52 -25.56
N ILE E 50 22.18 16.54 -26.14
CA ILE E 50 21.04 15.88 -25.55
C ILE E 50 20.32 15.04 -26.64
N CYS E 51 19.56 14.07 -26.16
CA CYS E 51 18.73 13.22 -26.96
C CYS E 51 17.33 13.23 -26.38
N LEU E 52 16.40 13.78 -27.16
CA LEU E 52 14.98 13.83 -26.84
C LEU E 52 14.27 12.68 -27.53
N ILE E 53 13.50 11.91 -26.77
CA ILE E 53 12.68 10.85 -27.34
C ILE E 53 11.25 11.22 -27.00
N PHE E 54 10.42 11.42 -28.02
CA PHE E 54 9.16 12.09 -27.91
C PHE E 54 8.05 11.36 -28.67
N VAL E 55 6.94 11.06 -28.01
CA VAL E 55 5.80 10.42 -28.65
C VAL E 55 4.66 11.43 -28.78
N ALA E 56 4.23 11.65 -30.03
CA ALA E 56 3.26 12.69 -30.42
C ALA E 56 1.92 12.00 -30.42
N HIS E 57 1.64 11.38 -29.28
CA HIS E 57 0.35 10.74 -28.97
C HIS E 57 -0.08 10.99 -27.53
N SER E 58 -1.39 10.98 -27.27
CA SER E 58 -1.88 11.26 -25.92
C SER E 58 -2.30 10.01 -25.14
N THR E 59 -2.19 8.84 -25.77
CA THR E 59 -2.52 7.57 -25.12
C THR E 59 -1.32 6.62 -25.08
N ALA E 60 -0.14 7.19 -25.30
CA ALA E 60 1.12 6.50 -25.19
C ALA E 60 2.12 7.38 -24.42
N ALA E 61 3.23 6.78 -23.96
CA ALA E 61 4.22 7.48 -23.21
C ALA E 61 5.60 6.92 -23.53
N ILE E 62 6.62 7.59 -23.01
CA ILE E 62 8.02 7.14 -23.13
C ILE E 62 8.54 7.03 -21.72
N VAL E 63 9.09 5.86 -21.34
CA VAL E 63 9.72 5.72 -20.04
C VAL E 63 11.07 4.99 -20.20
N ALA E 64 11.83 4.96 -19.15
CA ALA E 64 13.08 4.20 -19.16
C ALA E 64 13.25 3.39 -17.91
N ASN E 65 13.46 2.10 -18.09
CA ASN E 65 13.79 1.25 -16.98
C ASN E 65 14.35 -0.08 -17.48
N GLU E 66 14.37 -1.06 -16.63
CA GLU E 66 15.07 -2.29 -16.92
C GLU E 66 14.30 -3.22 -17.83
N HIS E 67 14.96 -3.73 -18.86
CA HIS E 67 14.32 -4.74 -19.71
C HIS E 67 14.41 -6.11 -19.01
N GLU E 68 13.45 -6.37 -18.11
CA GLU E 68 13.33 -7.68 -17.46
C GLU E 68 11.86 -8.02 -17.57
N ARG E 69 11.51 -9.20 -18.09
CA ARG E 69 10.09 -9.41 -18.46
C ARG E 69 9.14 -9.32 -17.26
N GLY E 70 9.61 -9.75 -16.10
CA GLY E 70 8.83 -9.67 -14.89
C GLY E 70 8.49 -8.22 -14.53
N LEU E 71 9.53 -7.38 -14.52
CA LEU E 71 9.36 -5.96 -14.28
C LEU E 71 8.48 -5.29 -15.32
N MET E 72 8.63 -5.69 -16.59
CA MET E 72 7.77 -5.17 -17.65
C MET E 72 6.31 -5.49 -17.35
N GLU E 73 6.04 -6.69 -16.87
CA GLU E 73 4.66 -7.02 -16.45
C GLU E 73 4.19 -6.18 -15.26
N ASP E 74 5.06 -6.05 -14.26
CA ASP E 74 4.79 -5.19 -13.10
C ASP E 74 4.45 -3.76 -13.46
N ILE E 75 5.23 -3.15 -14.34
CA ILE E 75 4.96 -1.79 -14.78
C ILE E 75 3.54 -1.67 -15.34
N LEU E 76 3.18 -2.58 -16.21
CA LEU E 76 1.85 -2.53 -16.82
C LEU E 76 0.75 -2.81 -15.80
N THR E 77 1.03 -3.68 -14.88
CA THR E 77 0.07 -4.01 -13.81
C THR E 77 -0.18 -2.80 -12.93
N LYS E 78 0.90 -2.14 -12.55
CA LYS E 78 0.77 -0.90 -11.73
C LYS E 78 0.04 0.18 -12.49
N ILE E 79 0.41 0.42 -13.76
CA ILE E 79 -0.31 1.37 -14.61
C ILE E 79 -1.81 1.08 -14.66
N LYS E 80 -2.15 -0.18 -14.93
CA LYS E 80 -3.57 -0.55 -15.00
C LYS E 80 -4.29 -0.27 -13.66
N GLU E 81 -3.68 -0.67 -12.57
CA GLU E 81 -4.30 -0.45 -11.27
C GLU E 81 -4.44 1.05 -10.94
N PHE E 82 -3.47 1.85 -11.34
CA PHE E 82 -3.51 3.27 -11.13
C PHE E 82 -4.53 3.97 -11.98
N THR E 83 -4.69 3.57 -13.26
CA THR E 83 -5.51 4.29 -14.24
C THR E 83 -6.96 3.83 -14.32
N GLU E 84 -7.21 2.62 -13.86
CA GLU E 84 -8.56 2.00 -13.75
C GLU E 84 -9.33 1.87 -15.08
N PRO E 85 -8.92 0.96 -15.94
CA PRO E 85 -9.57 0.79 -17.25
C PRO E 85 -11.06 0.50 -17.15
N SER E 86 -11.50 -0.11 -16.05
CA SER E 86 -12.92 -0.41 -15.90
C SER E 86 -13.76 0.69 -15.30
N ARG E 87 -13.16 1.79 -14.89
CA ARG E 87 -13.91 2.89 -14.26
C ARG E 87 -14.65 3.73 -15.26
N SER E 88 -15.79 4.25 -14.80
CA SER E 88 -16.60 5.17 -15.59
C SER E 88 -16.07 6.60 -15.59
N TRP E 89 -14.86 6.81 -16.07
CA TRP E 89 -14.36 8.13 -16.30
C TRP E 89 -15.25 8.94 -17.27
N LYS E 90 -15.32 10.26 -17.06
CA LYS E 90 -16.19 11.09 -17.87
C LYS E 90 -15.78 11.09 -19.35
N HIS E 91 -14.49 10.99 -19.63
CA HIS E 91 -14.03 10.92 -21.01
C HIS E 91 -14.52 9.66 -21.71
N ASN E 92 -14.86 8.62 -20.94
CA ASN E 92 -15.28 7.39 -21.56
C ASN E 92 -16.65 7.51 -22.27
N LEU E 93 -17.43 8.56 -21.98
CA LEU E 93 -18.64 8.85 -22.78
C LEU E 93 -18.26 9.00 -24.24
N ILE E 94 -17.08 9.56 -24.48
CA ILE E 94 -16.62 9.83 -25.86
C ILE E 94 -15.81 8.67 -26.50
N ASP E 95 -14.76 8.18 -25.84
CA ASP E 95 -14.03 6.99 -26.29
C ASP E 95 -13.55 6.31 -25.01
N ASP E 96 -13.54 5.00 -25.04
CA ASP E 96 -13.33 4.24 -23.78
C ASP E 96 -11.83 4.04 -23.44
N ASN E 97 -11.08 5.14 -23.50
CA ASN E 97 -9.64 5.07 -23.22
C ASN E 97 -9.18 6.12 -22.24
N ALA E 98 -10.07 6.61 -21.37
CA ALA E 98 -9.66 7.60 -20.36
C ALA E 98 -8.41 7.10 -19.58
N HIS E 99 -8.42 5.83 -19.18
CA HIS E 99 -7.30 5.33 -18.40
C HIS E 99 -5.96 5.49 -19.15
N ALA E 100 -5.96 5.34 -20.48
CA ALA E 100 -4.76 5.52 -21.29
C ALA E 100 -4.25 6.94 -21.23
N HIS E 101 -5.17 7.90 -21.35
CA HIS E 101 -4.90 9.31 -21.21
C HIS E 101 -4.29 9.64 -19.87
N LEU E 102 -4.87 9.10 -18.82
CA LEU E 102 -4.37 9.32 -17.47
C LEU E 102 -2.96 8.78 -17.23
N GLY E 103 -2.70 7.58 -17.72
CA GLY E 103 -1.39 6.98 -17.65
C GLY E 103 -0.34 7.82 -18.35
N ALA E 104 -0.68 8.23 -19.57
CA ALA E 104 0.15 9.00 -20.43
C ALA E 104 0.45 10.37 -19.81
N THR E 105 -0.57 10.96 -19.22
CA THR E 105 -0.47 12.27 -18.55
C THR E 105 0.57 12.20 -17.43
N PHE E 106 0.46 11.16 -16.60
CA PHE E 106 1.40 10.93 -15.48
C PHE E 106 2.79 10.50 -15.90
N LEU E 107 2.90 9.65 -16.93
CA LEU E 107 4.22 9.14 -17.33
C LEU E 107 4.99 10.12 -18.17
N GLY E 108 4.30 10.82 -19.05
CA GLY E 108 4.90 11.81 -19.92
C GLY E 108 5.21 11.28 -21.29
N ALA E 109 5.15 12.18 -22.25
CA ALA E 109 5.35 11.82 -23.65
C ALA E 109 6.81 11.86 -24.04
N GLU E 110 7.69 12.32 -23.15
CA GLU E 110 9.08 12.42 -23.51
C GLU E 110 10.06 12.05 -22.40
N ARG E 111 11.25 11.63 -22.83
CA ARG E 111 12.38 11.57 -21.95
C ARG E 111 13.54 12.26 -22.64
N VAL E 112 14.45 12.78 -21.84
CA VAL E 112 15.66 13.44 -22.32
C VAL E 112 16.85 12.77 -21.70
N PHE E 113 17.80 12.36 -22.53
CA PHE E 113 19.03 11.75 -22.09
C PHE E 113 20.21 12.62 -22.45
N PRO E 114 21.28 12.60 -21.63
CA PRO E 114 22.53 13.22 -22.12
C PRO E 114 23.19 12.38 -23.21
N VAL E 115 23.92 13.08 -24.10
CA VAL E 115 24.84 12.48 -25.06
C VAL E 115 26.22 13.04 -24.72
N ARG E 116 27.17 12.14 -24.47
CA ARG E 116 28.46 12.54 -23.96
C ARG E 116 29.54 11.67 -24.58
N GLU E 117 30.57 12.32 -25.13
CA GLU E 117 31.64 11.62 -25.82
C GLU E 117 31.06 10.67 -26.84
N GLY E 118 30.03 11.09 -27.54
CA GLY E 118 29.44 10.31 -28.61
C GLY E 118 28.47 9.19 -28.27
N LYS E 119 28.21 9.02 -26.97
CA LYS E 119 27.40 7.92 -26.46
C LYS E 119 26.17 8.47 -25.80
N LEU E 120 25.03 7.76 -25.94
CA LEU E 120 23.89 8.01 -25.10
C LEU E 120 24.27 7.65 -23.64
N VAL E 121 24.12 8.59 -22.71
CA VAL E 121 24.44 8.34 -21.30
C VAL E 121 23.24 7.67 -20.68
N ARG E 122 23.41 6.44 -20.26
CA ARG E 122 22.36 5.71 -19.62
C ARG E 122 22.92 4.57 -18.81
N GLY E 123 22.17 4.12 -17.81
CA GLY E 123 22.61 3.08 -16.92
C GLY E 123 22.52 1.76 -17.65
N THR E 124 23.26 0.77 -17.09
CA THR E 124 23.24 -0.61 -17.53
C THR E 124 21.82 -1.11 -17.67
N TRP E 125 20.97 -0.74 -16.71
CA TRP E 125 19.61 -1.25 -16.65
C TRP E 125 18.60 -0.18 -17.00
N GLN E 126 19.03 0.78 -17.81
CA GLN E 126 18.13 1.84 -18.22
C GLN E 126 17.74 1.75 -19.71
N ASN E 127 16.73 0.96 -20.03
CA ASN E 127 16.34 0.81 -21.45
C ASN E 127 15.16 1.77 -21.72
N ILE E 128 14.98 2.17 -22.97
CA ILE E 128 13.95 3.12 -23.36
C ILE E 128 12.73 2.39 -23.98
N PHE E 129 11.56 2.64 -23.43
CA PHE E 129 10.33 2.01 -23.87
C PHE E 129 9.24 2.98 -24.32
N LEU E 130 8.60 2.63 -25.44
CA LEU E 130 7.28 3.12 -25.75
C LEU E 130 6.31 2.36 -24.84
N VAL E 131 5.47 3.12 -24.14
CA VAL E 131 4.40 2.58 -23.36
C VAL E 131 3.08 2.76 -24.12
N GLU E 132 2.54 1.64 -24.56
CA GLU E 132 1.25 1.66 -25.27
C GLU E 132 0.19 1.37 -24.25
N LEU E 133 -0.79 2.26 -24.11
CA LEU E 133 -1.92 2.09 -23.16
C LEU E 133 -3.26 1.99 -23.85
N ASP E 134 -3.27 2.09 -25.18
CA ASP E 134 -4.53 1.97 -25.95
C ASP E 134 -4.35 1.27 -27.28
N GLY E 135 -3.61 0.17 -27.26
CA GLY E 135 -3.40 -0.59 -28.48
C GLY E 135 -4.59 -1.50 -28.76
N PRO E 136 -4.58 -2.22 -29.90
CA PRO E 136 -3.51 -2.15 -30.86
C PRO E 136 -3.58 -0.85 -31.68
N ARG E 137 -2.41 -0.35 -32.08
CA ARG E 137 -2.35 0.79 -32.97
C ARG E 137 -1.36 0.51 -34.09
N SER E 138 -1.73 0.86 -35.31
CA SER E 138 -0.92 0.47 -36.47
C SER E 138 0.32 1.33 -36.57
N GLU E 139 0.23 2.58 -36.12
CA GLU E 139 1.39 3.45 -36.17
C GLU E 139 1.50 4.41 -34.99
N ARG E 140 2.40 4.09 -34.06
CA ARG E 140 2.86 5.06 -33.08
C ARG E 140 4.14 5.68 -33.61
N HIS E 141 4.15 7.00 -33.62
CA HIS E 141 5.23 7.80 -34.17
C HIS E 141 6.07 8.41 -33.04
N ILE E 142 7.32 7.97 -32.95
CA ILE E 142 8.26 8.54 -31.99
C ILE E 142 9.25 9.37 -32.76
N THR E 143 9.44 10.59 -32.30
CA THR E 143 10.47 11.49 -32.79
C THR E 143 11.68 11.39 -31.88
N VAL E 144 12.84 11.20 -32.50
CA VAL E 144 14.09 11.22 -31.80
C VAL E 144 14.91 12.40 -32.35
N GLU E 145 15.25 13.32 -31.45
CA GLU E 145 16.03 14.50 -31.77
C GLU E 145 17.34 14.57 -30.97
N ILE E 146 18.45 14.70 -31.68
CA ILE E 146 19.74 14.85 -31.09
C ILE E 146 20.15 16.30 -31.35
N LEU E 147 20.56 16.99 -30.27
CA LEU E 147 20.96 18.38 -30.35
C LEU E 147 22.29 18.55 -29.60
N GLY E 148 23.24 19.22 -30.22
CA GLY E 148 24.54 19.37 -29.62
C GLY E 148 25.64 19.65 -30.61
N GLU E 149 26.86 19.27 -30.22
CA GLU E 149 28.12 19.56 -30.92
C GLU E 149 28.77 18.26 -31.33
N HIS F 7 25.08 40.80 -38.31
CA HIS F 7 25.02 39.99 -39.59
C HIS F 7 25.95 38.81 -39.56
N HIS F 8 25.40 37.71 -39.05
CA HIS F 8 26.14 36.48 -38.94
C HIS F 8 26.25 35.90 -40.31
N HIS F 9 27.38 35.24 -40.55
CA HIS F 9 27.57 34.51 -41.78
C HIS F 9 27.76 33.03 -41.52
N HIS F 10 27.80 32.65 -40.25
CA HIS F 10 28.00 31.26 -39.91
C HIS F 10 26.84 30.78 -39.08
N HIS F 11 26.68 29.48 -39.06
CA HIS F 11 25.61 28.85 -38.29
C HIS F 11 25.88 29.05 -36.78
N HIS F 12 24.81 29.28 -36.03
CA HIS F 12 24.88 29.34 -34.57
C HIS F 12 23.57 28.86 -34.00
N MET F 13 23.65 28.27 -32.81
CA MET F 13 22.48 27.98 -31.97
C MET F 13 21.94 29.29 -31.44
N LYS F 14 20.62 29.36 -31.37
CA LYS F 14 19.81 30.51 -30.92
C LYS F 14 19.04 30.06 -29.69
N VAL F 15 18.88 30.94 -28.71
CA VAL F 15 18.02 30.70 -27.57
C VAL F 15 17.01 31.82 -27.49
N TYR F 16 15.74 31.49 -27.31
CA TYR F 16 14.70 32.51 -27.27
C TYR F 16 13.77 32.24 -26.14
N PHE F 17 13.49 33.25 -25.31
CA PHE F 17 12.59 33.05 -24.15
C PHE F 17 11.33 33.87 -24.32
N ASP F 18 10.24 33.37 -23.79
CA ASP F 18 9.10 34.26 -23.57
C ASP F 18 8.38 33.68 -22.37
N ASP F 19 7.37 34.41 -21.94
CA ASP F 19 6.70 34.13 -20.69
C ASP F 19 5.21 34.17 -20.82
N ILE F 20 4.57 33.17 -20.23
CA ILE F 20 3.10 33.07 -20.26
C ILE F 20 2.62 33.25 -18.84
N TYR F 21 1.72 34.20 -18.63
CA TYR F 21 1.21 34.53 -17.30
C TYR F 21 -0.21 34.10 -17.23
N VAL F 22 -0.54 33.32 -16.20
CA VAL F 22 -1.89 32.81 -16.04
C VAL F 22 -2.39 33.17 -14.64
N SER F 23 -3.67 33.54 -14.56
CA SER F 23 -4.35 33.66 -13.29
C SER F 23 -5.38 32.54 -13.19
N THR F 24 -5.37 31.83 -12.06
CA THR F 24 -6.24 30.63 -11.94
C THR F 24 -7.36 30.92 -10.96
N ALA F 25 -8.53 30.37 -11.25
CA ALA F 25 -9.74 30.71 -10.52
C ALA F 25 -10.15 29.67 -9.46
N ARG F 26 -9.80 28.41 -9.72
CA ARG F 26 -10.23 27.29 -8.90
C ARG F 26 -9.00 26.60 -8.29
N GLN F 27 -9.24 25.83 -7.24
CA GLN F 27 -8.18 25.13 -6.55
C GLN F 27 -7.43 24.21 -7.52
N PHE F 28 -8.21 23.39 -8.23
CA PHE F 28 -7.72 22.51 -9.27
C PHE F 28 -8.16 22.99 -10.65
N GLU F 29 -7.22 23.16 -11.55
CA GLU F 29 -7.56 23.58 -12.90
C GLU F 29 -6.55 23.10 -13.91
N LEU F 30 -7.03 22.86 -15.12
CA LEU F 30 -6.17 22.67 -16.28
C LEU F 30 -6.31 23.84 -17.27
N VAL F 31 -5.21 24.52 -17.56
CA VAL F 31 -5.27 25.70 -18.42
C VAL F 31 -4.51 25.34 -19.69
N ASP F 32 -5.22 25.28 -20.81
CA ASP F 32 -4.60 24.93 -22.10
C ASP F 32 -3.78 26.11 -22.62
N ILE F 33 -2.46 25.93 -22.78
CA ILE F 33 -1.57 26.99 -23.22
C ILE F 33 -0.94 26.67 -24.59
N THR F 34 -1.53 25.72 -25.30
CA THR F 34 -0.97 25.23 -26.57
C THR F 34 -0.77 26.35 -27.58
N ASP F 35 -1.80 27.18 -27.72
CA ASP F 35 -1.78 28.27 -28.71
C ASP F 35 -0.69 29.26 -28.41
N GLN F 36 -0.57 29.65 -27.15
CA GLN F 36 0.50 30.54 -26.68
C GLN F 36 1.91 29.97 -26.92
N VAL F 37 2.11 28.67 -26.61
CA VAL F 37 3.41 28.03 -26.83
C VAL F 37 3.72 27.99 -28.32
N GLU F 38 2.72 27.68 -29.14
CA GLU F 38 2.93 27.69 -30.61
C GLU F 38 3.29 29.08 -31.15
N GLN F 39 2.65 30.10 -30.60
CA GLN F 39 2.95 31.46 -31.00
C GLN F 39 4.41 31.79 -30.73
N ILE F 40 4.88 31.38 -29.54
CA ILE F 40 6.27 31.64 -29.12
C ILE F 40 7.23 30.91 -30.05
N VAL F 41 6.94 29.65 -30.29
CA VAL F 41 7.75 28.91 -31.23
C VAL F 41 7.84 29.68 -32.55
N GLU F 42 6.69 30.12 -33.08
CA GLU F 42 6.69 30.90 -34.36
C GLU F 42 7.52 32.18 -34.24
N LYS F 43 7.30 32.92 -33.15
CA LYS F 43 7.98 34.20 -32.95
C LYS F 43 9.50 34.05 -32.83
N SER F 44 9.97 32.93 -32.29
CA SER F 44 11.39 32.66 -32.07
C SER F 44 12.21 32.70 -33.35
N GLY F 45 11.59 32.27 -34.44
CA GLY F 45 12.28 32.11 -35.72
C GLY F 45 13.12 30.86 -35.84
N ILE F 46 13.17 30.07 -34.78
CA ILE F 46 13.98 28.86 -34.75
C ILE F 46 13.22 27.77 -35.53
N LYS F 47 13.93 27.06 -36.39
CA LYS F 47 13.29 26.07 -37.27
C LYS F 47 13.45 24.64 -36.72
N ASN F 48 14.62 24.37 -36.14
CA ASN F 48 14.90 23.05 -35.61
C ASN F 48 15.58 23.13 -34.25
N GLY F 49 15.00 22.45 -33.28
CA GLY F 49 15.53 22.52 -31.92
C GLY F 49 14.53 21.91 -30.96
N ILE F 50 14.42 22.52 -29.79
CA ILE F 50 13.57 22.01 -28.73
C ILE F 50 12.81 23.18 -28.13
N CYS F 51 11.69 22.86 -27.54
CA CYS F 51 10.85 23.80 -26.85
C CYS F 51 10.66 23.32 -25.43
N LEU F 52 11.20 24.05 -24.46
CA LEU F 52 11.02 23.78 -23.02
C LEU F 52 9.89 24.59 -22.50
N ILE F 53 8.94 23.94 -21.85
CA ILE F 53 7.84 24.63 -21.20
C ILE F 53 7.97 24.29 -19.72
N PHE F 54 8.14 25.30 -18.88
CA PHE F 54 8.63 25.13 -17.52
C PHE F 54 7.96 26.07 -16.57
N VAL F 55 7.52 25.53 -15.43
CA VAL F 55 6.95 26.34 -14.36
C VAL F 55 7.89 26.37 -13.18
N ALA F 56 8.12 27.57 -12.64
CA ALA F 56 8.98 27.73 -11.45
C ALA F 56 8.08 27.72 -10.20
C ALA F 56 8.34 27.31 -10.09
N HIS F 57 7.24 26.72 -10.08
N HIS F 57 7.10 26.88 -10.18
CA HIS F 57 6.24 26.67 -9.06
C HIS F 57 6.31 25.29 -8.50
N SER F 58 6.12 25.13 -7.20
CA SER F 58 6.13 23.80 -6.62
C SER F 58 4.74 23.21 -6.38
N THR F 59 3.69 23.94 -6.73
CA THR F 59 2.32 23.48 -6.55
C THR F 59 1.56 23.52 -7.87
N ALA F 60 2.29 23.64 -8.96
CA ALA F 60 1.73 23.49 -10.29
C ALA F 60 2.63 22.59 -11.16
N ALA F 61 2.14 22.18 -12.32
CA ALA F 61 2.91 21.31 -13.19
C ALA F 61 2.58 21.64 -14.64
N ILE F 62 3.33 21.02 -15.56
CA ILE F 62 3.06 21.09 -16.98
C ILE F 62 2.84 19.65 -17.43
N VAL F 63 1.73 19.40 -18.14
CA VAL F 63 1.45 18.12 -18.77
C VAL F 63 0.96 18.30 -20.18
N ALA F 64 0.88 17.20 -20.90
CA ALA F 64 0.35 17.30 -22.24
C ALA F 64 -0.59 16.15 -22.45
N ASN F 65 -1.81 16.46 -22.90
CA ASN F 65 -2.78 15.45 -23.27
C ASN F 65 -3.92 16.06 -24.07
N GLU F 66 -5.01 15.34 -24.21
CA GLU F 66 -6.08 15.75 -25.13
C GLU F 66 -6.98 16.76 -24.46
N HIS F 67 -7.30 17.83 -25.20
CA HIS F 67 -8.26 18.83 -24.75
C HIS F 67 -9.68 18.36 -25.02
N GLU F 68 -10.22 17.64 -24.07
CA GLU F 68 -11.62 17.20 -24.08
C GLU F 68 -12.10 17.38 -22.66
N ARG F 69 -13.21 18.07 -22.50
CA ARG F 69 -13.69 18.49 -21.19
C ARG F 69 -13.82 17.35 -20.21
N GLY F 70 -14.40 16.23 -20.64
CA GLY F 70 -14.54 15.06 -19.78
C GLY F 70 -13.20 14.57 -19.27
N LEU F 71 -12.26 14.39 -20.20
CA LEU F 71 -10.92 13.95 -19.83
C LEU F 71 -10.21 14.91 -18.89
N MET F 72 -10.39 16.21 -19.12
CA MET F 72 -9.82 17.21 -18.26
C MET F 72 -10.29 17.06 -16.85
N GLU F 73 -11.57 16.77 -16.68
CA GLU F 73 -12.13 16.50 -15.34
C GLU F 73 -11.59 15.20 -14.75
N ASP F 74 -11.43 14.16 -15.58
CA ASP F 74 -10.86 12.89 -15.17
C ASP F 74 -9.45 13.09 -14.63
N ILE F 75 -8.62 13.85 -15.36
CA ILE F 75 -7.23 14.08 -14.98
C ILE F 75 -7.18 14.69 -13.59
N LEU F 76 -7.98 15.71 -13.38
CA LEU F 76 -7.96 16.40 -12.10
C LEU F 76 -8.54 15.53 -11.00
N THR F 77 -9.52 14.71 -11.32
CA THR F 77 -10.07 13.79 -10.31
C THR F 77 -9.04 12.74 -9.88
N LYS F 78 -8.38 12.15 -10.87
CA LYS F 78 -7.29 11.22 -10.58
C LYS F 78 -6.19 11.88 -9.74
N ILE F 79 -5.73 13.08 -10.16
CA ILE F 79 -4.71 13.79 -9.37
C ILE F 79 -5.20 13.94 -7.93
N LYS F 80 -6.42 14.41 -7.75
CA LYS F 80 -6.97 14.62 -6.39
C LYS F 80 -6.98 13.35 -5.54
N GLU F 81 -7.45 12.27 -6.15
CA GLU F 81 -7.48 11.00 -5.46
C GLU F 81 -6.09 10.46 -5.06
N PHE F 82 -5.12 10.66 -5.96
CA PHE F 82 -3.74 10.25 -5.73
C PHE F 82 -3.10 11.06 -4.63
N THR F 83 -3.34 12.38 -4.61
CA THR F 83 -2.61 13.30 -3.73
C THR F 83 -3.30 13.54 -2.40
N GLU F 84 -4.61 13.23 -2.34
CA GLU F 84 -5.40 13.23 -1.08
C GLU F 84 -5.42 14.55 -0.33
N PRO F 85 -6.18 15.52 -0.85
CA PRO F 85 -6.16 16.85 -0.25
C PRO F 85 -6.60 16.84 1.21
N SER F 86 -7.45 15.89 1.58
CA SER F 86 -7.97 15.89 2.92
C SER F 86 -7.11 15.10 3.92
N ARG F 87 -6.03 14.50 3.47
CA ARG F 87 -5.13 13.71 4.34
C ARG F 87 -4.21 14.60 5.24
N SER F 88 -3.92 14.10 6.43
CA SER F 88 -3.05 14.80 7.38
C SER F 88 -1.60 14.58 7.03
N TRP F 89 -1.19 15.07 5.86
CA TRP F 89 0.21 15.06 5.52
C TRP F 89 0.97 16.00 6.47
N LYS F 90 2.25 15.66 6.72
CA LYS F 90 3.07 16.47 7.65
C LYS F 90 3.29 17.92 7.17
N HIS F 91 3.44 18.12 5.87
CA HIS F 91 3.55 19.49 5.34
C HIS F 91 2.36 20.38 5.76
N ASN F 92 1.19 19.77 5.98
CA ASN F 92 -0.04 20.54 6.29
C ASN F 92 -0.04 21.17 7.65
N LEU F 93 0.90 20.78 8.50
CA LEU F 93 1.16 21.52 9.74
C LEU F 93 1.57 22.96 9.46
N ILE F 94 2.24 23.17 8.34
CA ILE F 94 2.81 24.44 7.97
C ILE F 94 1.90 25.16 6.99
N ASP F 95 1.34 24.40 6.05
CA ASP F 95 0.67 24.99 4.92
C ASP F 95 -0.20 23.94 4.24
N ASP F 96 -1.47 24.25 4.07
CA ASP F 96 -2.52 23.27 3.77
C ASP F 96 -2.54 22.78 2.32
N ASN F 97 -1.37 22.61 1.72
CA ASN F 97 -1.36 22.28 0.33
C ASN F 97 -0.41 21.13 0.00
N ALA F 98 -0.15 20.24 0.97
CA ALA F 98 0.74 19.12 0.75
C ALA F 98 0.35 18.39 -0.53
N HIS F 99 -0.95 18.18 -0.74
CA HIS F 99 -1.37 17.41 -1.91
C HIS F 99 -0.90 18.04 -3.23
N ALA F 100 -0.89 19.38 -3.28
CA ALA F 100 -0.47 20.10 -4.48
C ALA F 100 1.02 19.87 -4.77
N HIS F 101 1.79 19.88 -3.70
CA HIS F 101 3.20 19.57 -3.79
C HIS F 101 3.44 18.14 -4.28
N LEU F 102 2.68 17.20 -3.73
CA LEU F 102 2.81 15.82 -4.18
C LEU F 102 2.47 15.64 -5.64
N GLY F 103 1.37 16.22 -6.10
CA GLY F 103 0.96 16.10 -7.52
C GLY F 103 2.00 16.73 -8.43
N ALA F 104 2.47 17.92 -8.07
CA ALA F 104 3.52 18.62 -8.82
C ALA F 104 4.81 17.80 -8.90
N THR F 105 5.15 17.14 -7.80
CA THR F 105 6.40 16.39 -7.68
C THR F 105 6.32 15.22 -8.66
N PHE F 106 5.17 14.54 -8.68
CA PHE F 106 4.96 13.39 -9.59
C PHE F 106 4.81 13.80 -11.07
N LEU F 107 4.12 14.90 -11.33
CA LEU F 107 3.80 15.28 -12.69
C LEU F 107 4.95 15.96 -13.37
N GLY F 108 5.68 16.77 -12.61
CA GLY F 108 6.84 17.46 -13.16
C GLY F 108 6.55 18.89 -13.54
N ALA F 109 7.59 19.74 -13.45
CA ALA F 109 7.44 21.16 -13.69
C ALA F 109 7.63 21.51 -15.14
N GLU F 110 8.03 20.53 -15.95
CA GLU F 110 8.37 20.85 -17.35
C GLU F 110 8.03 19.76 -18.32
N ARG F 111 7.85 20.14 -19.56
CA ARG F 111 7.84 19.20 -20.67
C ARG F 111 8.74 19.79 -21.76
N VAL F 112 9.30 18.92 -22.56
CA VAL F 112 10.14 19.35 -23.68
C VAL F 112 9.55 18.74 -24.93
N PHE F 113 9.35 19.60 -25.96
CA PHE F 113 8.82 19.18 -27.24
C PHE F 113 9.83 19.43 -28.34
N PRO F 114 9.80 18.60 -29.42
CA PRO F 114 10.65 18.95 -30.59
C PRO F 114 10.09 20.17 -31.30
N VAL F 115 10.98 20.90 -31.97
CA VAL F 115 10.60 21.90 -32.98
C VAL F 115 11.31 21.44 -34.21
N ARG F 116 10.54 21.22 -35.28
CA ARG F 116 11.04 20.58 -36.50
C ARG F 116 10.46 21.30 -37.70
N GLU F 117 11.31 21.66 -38.67
CA GLU F 117 10.88 22.39 -39.85
C GLU F 117 9.95 23.54 -39.44
N GLY F 118 10.30 24.25 -38.38
CA GLY F 118 9.56 25.44 -37.95
C GLY F 118 8.30 25.22 -37.15
N LYS F 119 8.00 23.95 -36.83
CA LYS F 119 6.74 23.60 -36.19
C LYS F 119 7.02 22.96 -34.84
N LEU F 120 6.16 23.21 -33.88
CA LEU F 120 6.13 22.42 -32.65
C LEU F 120 5.62 21.02 -33.04
N VAL F 121 6.40 19.98 -32.74
CA VAL F 121 6.01 18.63 -33.07
C VAL F 121 5.11 18.15 -31.93
N ARG F 122 3.87 17.85 -32.27
CA ARG F 122 2.97 17.25 -31.31
C ARG F 122 1.85 16.53 -32.03
N GLY F 123 1.19 15.65 -31.30
CA GLY F 123 0.08 14.89 -31.82
C GLY F 123 -1.13 15.77 -32.03
N THR F 124 -2.04 15.28 -32.88
CA THR F 124 -3.34 15.96 -33.09
C THR F 124 -4.04 16.19 -31.76
N TRP F 125 -3.91 15.26 -30.83
CA TRP F 125 -4.65 15.31 -29.56
C TRP F 125 -3.74 15.53 -28.37
N GLN F 126 -2.63 16.21 -28.61
CA GLN F 126 -1.63 16.44 -27.61
C GLN F 126 -1.56 17.96 -27.38
N ASN F 127 -2.29 18.42 -26.37
CA ASN F 127 -2.29 19.81 -26.01
C ASN F 127 -1.49 19.99 -24.75
N ILE F 128 -0.97 21.21 -24.57
CA ILE F 128 -0.09 21.56 -23.47
C ILE F 128 -0.88 22.30 -22.41
N PHE F 129 -0.77 21.82 -21.16
CA PHE F 129 -1.54 22.35 -20.03
C PHE F 129 -0.69 22.76 -18.84
N LEU F 130 -1.04 23.90 -18.27
CA LEU F 130 -0.68 24.21 -16.90
C LEU F 130 -1.65 23.51 -16.01
N VAL F 131 -1.09 22.77 -15.05
CA VAL F 131 -1.86 22.05 -14.06
C VAL F 131 -1.79 22.82 -12.75
N GLU F 132 -2.93 23.42 -12.36
CA GLU F 132 -3.01 24.17 -11.13
C GLU F 132 -3.58 23.25 -10.07
N LEU F 133 -2.84 23.07 -8.98
CA LEU F 133 -3.28 22.21 -7.84
C LEU F 133 -3.48 22.95 -6.55
N ASP F 134 -3.19 24.24 -6.55
CA ASP F 134 -3.34 25.07 -5.35
C ASP F 134 -3.87 26.47 -5.67
N GLY F 135 -4.90 26.54 -6.51
CA GLY F 135 -5.48 27.83 -6.85
C GLY F 135 -6.46 28.25 -5.78
N PRO F 136 -6.98 29.50 -5.89
CA PRO F 136 -6.70 30.44 -6.97
C PRO F 136 -5.35 31.08 -6.79
N ARG F 137 -4.66 31.35 -7.88
CA ARG F 137 -3.41 32.09 -7.84
C ARG F 137 -3.49 33.20 -8.89
N SER F 138 -3.10 34.41 -8.51
CA SER F 138 -3.19 35.56 -9.40
C SER F 138 -2.09 35.51 -10.48
N GLU F 139 -0.95 34.92 -10.12
CA GLU F 139 0.18 34.82 -11.01
C GLU F 139 0.79 33.45 -11.06
N ARG F 140 0.48 32.69 -12.08
CA ARG F 140 1.26 31.55 -12.46
C ARG F 140 2.11 31.99 -13.64
N HIS F 141 3.38 31.60 -13.64
CA HIS F 141 4.32 32.00 -14.65
C HIS F 141 4.83 30.71 -15.31
N ILE F 142 4.65 30.64 -16.63
CA ILE F 142 5.27 29.58 -17.45
C ILE F 142 6.40 30.20 -18.34
N THR F 143 7.60 29.71 -18.17
CA THR F 143 8.71 30.05 -19.03
C THR F 143 8.67 29.14 -20.24
N VAL F 144 8.76 29.73 -21.42
CA VAL F 144 8.89 28.96 -22.61
C VAL F 144 10.25 29.33 -23.24
N GLU F 145 11.07 28.33 -23.45
CA GLU F 145 12.39 28.53 -24.04
C GLU F 145 12.52 27.71 -25.32
N ILE F 146 12.86 28.37 -26.42
CA ILE F 146 13.13 27.64 -27.65
C ILE F 146 14.64 27.72 -27.87
N LEU F 147 15.22 26.58 -28.18
CA LEU F 147 16.64 26.51 -28.39
C LEU F 147 16.91 25.72 -29.66
N GLY F 148 17.75 26.26 -30.54
CA GLY F 148 18.00 25.57 -31.78
C GLY F 148 18.55 26.47 -32.85
N GLU F 149 18.39 26.05 -34.09
CA GLU F 149 18.82 26.78 -35.30
C GLU F 149 17.57 27.36 -35.98
#